data_3W9A
#
_entry.id   3W9A
#
_cell.length_a   59.200
_cell.length_b   68.421
_cell.length_c   69.168
_cell.angle_alpha   89.99
_cell.angle_beta   72.87
_cell.angle_gamma   85.81
#
_symmetry.space_group_name_H-M   'P 1'
#
loop_
_entity.id
_entity.type
_entity.pdbx_description
1 polymer 'Putative uncharacterized protein'
2 non-polymer GLYCEROL
3 water water
#
_entity_poly.entity_id   1
_entity_poly.type   'polypeptide(L)'
_entity_poly.pdbx_seq_one_letter_code
;GRIVWDGSFNNYTTPADFDRWSWANQVGTYQWYIKGSGPTSRYLNLDPSYKNPAITSELRGLKVTIDTTATWNSQ(MSE)
(MSE)RTELIPQTNANLGQGNLFYHFSIKRTNTNAPDPTLEHQV(MSE)FFESHFTELKYGVGSNPSNLGWYAGGTERWS
TPFTADTWFNFAYDIDFTAKTVGLWASTNGNPLVKVVQNVPANTFTDSRDFHVGVLRIVNRNPPEDWYVSGVYIEEGPIT
TQIGDGAAALEHHHHHH
;
_entity_poly.pdbx_strand_id   A,B,C,D
#
loop_
_chem_comp.id
_chem_comp.type
_chem_comp.name
_chem_comp.formula
GOL non-polymer GLYCEROL 'C3 H8 O3'
#
# COMPACT_ATOMS: atom_id res chain seq x y z
N GLY A 1 12.55 21.46 29.01
CA GLY A 1 11.16 21.78 28.56
C GLY A 1 10.18 20.68 28.90
N ARG A 2 8.99 20.71 28.31
CA ARG A 2 7.97 19.75 28.73
C ARG A 2 8.34 18.32 28.38
N ILE A 3 7.97 17.43 29.29
CA ILE A 3 8.34 16.05 29.18
C ILE A 3 7.35 15.44 28.22
N VAL A 4 7.90 14.84 27.17
CA VAL A 4 7.09 14.22 26.14
C VAL A 4 6.77 12.78 26.55
N TRP A 5 7.75 12.09 27.13
CA TRP A 5 7.57 10.73 27.65
C TRP A 5 8.43 10.58 28.89
N ASP A 6 7.79 10.02 29.92
CA ASP A 6 8.41 9.87 31.22
C ASP A 6 8.69 8.39 31.50
N GLY A 7 9.98 8.05 31.49
CA GLY A 7 10.46 6.69 31.80
C GLY A 7 10.78 6.45 33.27
N SER A 8 10.24 7.29 34.14
CA SER A 8 10.39 7.10 35.58
C SER A 8 10.06 5.66 35.92
N PHE A 9 10.80 5.07 36.84
CA PHE A 9 10.51 3.73 37.30
C PHE A 9 9.66 3.76 38.60
N ASN A 10 9.13 4.94 38.97
CA ASN A 10 8.42 5.03 40.25
C ASN A 10 7.24 4.04 40.36
N ASN A 11 6.61 3.70 39.25
CA ASN A 11 5.45 2.78 39.27
C ASN A 11 5.87 1.35 39.03
N TYR A 12 7.16 1.13 38.82
CA TYR A 12 7.66 -0.22 38.58
C TYR A 12 8.35 -0.68 39.85
N THR A 13 7.64 -1.49 40.64
CA THR A 13 8.07 -1.87 41.99
C THR A 13 8.69 -3.25 42.08
N THR A 14 8.27 -4.16 41.20
CA THR A 14 8.85 -5.52 41.14
C THR A 14 8.97 -5.93 39.68
N PRO A 15 9.75 -7.01 39.41
CA PRO A 15 9.91 -7.40 38.01
C PRO A 15 8.60 -7.68 37.28
N ALA A 16 7.66 -8.32 37.97
CA ALA A 16 6.35 -8.64 37.40
C ALA A 16 5.59 -7.40 36.91
N ASP A 17 5.90 -6.22 37.43
CA ASP A 17 5.28 -4.99 36.93
C ASP A 17 5.54 -4.80 35.44
N PHE A 18 6.71 -5.19 34.94
CA PHE A 18 6.98 -5.09 33.51
C PHE A 18 6.14 -6.11 32.68
N ASP A 19 5.74 -7.21 33.30
CA ASP A 19 4.93 -8.25 32.65
C ASP A 19 3.47 -7.84 32.38
N ARG A 20 3.00 -6.75 32.97
CA ARG A 20 1.63 -6.30 32.70
C ARG A 20 1.44 -5.92 31.24
N TRP A 21 2.50 -5.40 30.63
CA TRP A 21 2.45 -4.98 29.24
C TRP A 21 2.35 -6.19 28.29
N SER A 22 1.60 -6.02 27.22
CA SER A 22 1.60 -6.95 26.10
C SER A 22 1.20 -6.21 24.83
N TRP A 23 1.34 -6.86 23.68
CA TRP A 23 0.94 -6.26 22.40
C TRP A 23 -0.55 -5.98 22.36
N ALA A 24 -1.33 -6.84 23.00
CA ALA A 24 -2.78 -6.67 23.11
C ALA A 24 -3.19 -5.67 24.20
N ASN A 25 -2.29 -5.40 25.15
CA ASN A 25 -2.58 -4.57 26.33
C ASN A 25 -1.36 -3.70 26.64
N GLN A 26 -1.26 -2.60 25.89
CA GLN A 26 -0.04 -1.85 25.86
C GLN A 26 -0.08 -0.78 26.95
N VAL A 27 -0.04 -1.25 28.19
CA VAL A 27 -0.13 -0.41 29.38
C VAL A 27 1.24 0.05 29.86
N GLY A 28 1.22 1.08 30.68
CA GLY A 28 2.43 1.61 31.29
C GLY A 28 3.26 2.39 30.30
N THR A 29 4.53 2.57 30.63
CA THR A 29 5.41 3.40 29.82
C THR A 29 6.51 2.65 29.05
N TYR A 30 6.59 1.34 29.22
CA TYR A 30 7.66 0.53 28.62
C TYR A 30 7.13 -0.74 27.96
N GLN A 31 7.57 -0.99 26.73
CA GLN A 31 7.30 -2.24 26.04
C GLN A 31 8.37 -3.25 26.46
N TRP A 32 7.94 -4.46 26.74
CA TRP A 32 8.85 -5.46 27.27
C TRP A 32 8.62 -6.75 26.48
N TYR A 33 9.42 -6.92 25.43
CA TYR A 33 9.37 -8.12 24.57
C TYR A 33 10.75 -8.56 24.05
N ILE A 34 11.75 -7.67 24.06
CA ILE A 34 13.09 -8.04 23.60
C ILE A 34 13.81 -8.67 24.80
N LYS A 35 13.63 -9.98 24.97
CA LYS A 35 14.10 -10.67 26.15
C LYS A 35 14.24 -12.16 25.91
N GLY A 36 14.87 -12.84 26.86
CA GLY A 36 14.99 -14.28 26.84
C GLY A 36 13.72 -14.94 27.35
N SER A 37 13.74 -16.27 27.37
CA SER A 37 12.63 -17.08 27.87
C SER A 37 12.49 -17.11 29.37
N GLY A 38 13.51 -16.65 30.09
CA GLY A 38 13.51 -16.69 31.54
C GLY A 38 12.42 -15.82 32.16
N PRO A 39 12.22 -15.96 33.47
CA PRO A 39 11.34 -15.01 34.17
C PRO A 39 11.91 -13.61 34.08
N THR A 40 11.06 -12.59 34.14
CA THR A 40 11.51 -11.22 33.99
C THR A 40 12.56 -10.86 35.06
N SER A 41 12.41 -11.41 36.25
CA SER A 41 13.36 -11.17 37.33
C SER A 41 14.80 -11.68 37.06
N ARG A 42 15.00 -12.52 36.05
CA ARG A 42 16.36 -12.87 35.59
C ARG A 42 17.04 -11.69 34.85
N TYR A 43 16.22 -10.79 34.29
CA TYR A 43 16.72 -9.73 33.40
C TYR A 43 16.51 -8.30 33.88
N LEU A 44 15.43 -8.08 34.62
CA LEU A 44 15.09 -6.74 35.08
C LEU A 44 14.81 -6.74 36.58
N ASN A 45 15.55 -5.91 37.31
CA ASN A 45 15.33 -5.76 38.73
C ASN A 45 15.38 -4.29 39.15
N LEU A 46 14.65 -4.00 40.22
CA LEU A 46 14.42 -2.64 40.67
C LEU A 46 14.79 -2.50 42.14
N ASP A 47 15.43 -1.37 42.50
CA ASP A 47 15.94 -1.15 43.86
C ASP A 47 16.37 0.30 44.05
N PRO A 48 16.19 0.83 45.26
CA PRO A 48 16.65 2.19 45.52
C PRO A 48 18.14 2.38 45.30
N SER A 49 18.95 1.36 45.53
CA SER A 49 20.40 1.47 45.31
C SER A 49 20.77 1.40 43.82
N TYR A 50 19.79 1.17 42.96
CA TYR A 50 20.08 1.03 41.53
C TYR A 50 19.99 2.38 40.79
N LYS A 51 19.71 3.45 41.52
CA LYS A 51 19.57 4.75 40.87
C LYS A 51 20.73 5.66 41.17
N ASN A 52 20.85 6.68 40.35
CA ASN A 52 21.73 7.77 40.64
C ASN A 52 21.15 8.50 41.84
N PRO A 53 21.85 8.44 43.00
CA PRO A 53 21.28 9.08 44.20
C PRO A 53 20.99 10.58 44.05
N ALA A 54 21.66 11.28 43.15
CA ALA A 54 21.35 12.70 42.90
C ALA A 54 19.99 12.94 42.23
N ILE A 55 19.36 11.88 41.69
CA ILE A 55 18.08 12.01 40.98
C ILE A 55 16.98 11.84 42.01
N THR A 56 16.71 12.94 42.70
CA THR A 56 15.87 12.92 43.89
C THR A 56 14.39 12.60 43.59
N SER A 57 13.93 12.91 42.38
CA SER A 57 12.52 12.68 42.00
C SER A 57 12.20 11.21 41.71
N GLU A 58 13.22 10.36 41.70
CA GLU A 58 13.08 8.93 41.42
C GLU A 58 13.22 8.08 42.70
N LEU A 59 12.34 7.10 42.89
CA LEU A 59 12.40 6.24 44.06
C LEU A 59 13.44 5.16 43.86
N ARG A 60 13.59 4.67 42.62
CA ARG A 60 14.49 3.54 42.38
C ARG A 60 15.15 3.60 41.00
N GLY A 61 16.11 2.72 40.78
CA GLY A 61 16.70 2.50 39.45
C GLY A 61 16.52 1.07 38.94
N LEU A 62 16.94 0.84 37.69
CA LEU A 62 16.79 -0.44 37.04
C LEU A 62 18.13 -1.11 36.87
N LYS A 63 18.24 -2.34 37.36
CA LYS A 63 19.39 -3.19 37.02
C LYS A 63 19.01 -4.01 35.81
N VAL A 64 19.75 -3.85 34.73
CA VAL A 64 19.49 -4.60 33.50
C VAL A 64 20.50 -5.72 33.47
N THR A 65 20.04 -6.96 33.43
CA THR A 65 20.95 -8.11 33.38
C THR A 65 20.84 -8.89 32.08
N ILE A 66 21.98 -9.14 31.44
CA ILE A 66 22.09 -10.07 30.34
C ILE A 66 22.87 -11.32 30.77
N ASP A 67 22.32 -12.49 30.44
CA ASP A 67 23.07 -13.73 30.63
C ASP A 67 22.90 -14.57 29.38
N THR A 68 23.42 -15.80 29.42
CA THR A 68 23.40 -16.68 28.27
C THR A 68 22.00 -17.05 27.82
N THR A 69 21.00 -16.93 28.69
CA THR A 69 19.61 -17.19 28.30
C THR A 69 18.87 -15.97 27.73
N ALA A 70 19.54 -14.82 27.65
CA ALA A 70 18.89 -13.57 27.24
C ALA A 70 18.87 -13.45 25.71
N THR A 71 18.15 -14.35 25.07
CA THR A 71 18.27 -14.53 23.65
C THR A 71 16.88 -14.33 23.08
N TRP A 72 16.71 -13.37 22.17
CA TRP A 72 15.39 -13.06 21.65
C TRP A 72 15.24 -13.48 20.18
N ASN A 73 15.92 -12.73 19.31
CA ASN A 73 15.88 -12.99 17.87
C ASN A 73 17.17 -13.61 17.35
N SER A 74 18.06 -13.99 18.26
CA SER A 74 19.37 -14.52 17.90
C SER A 74 20.03 -15.08 19.17
N GLN A 75 21.24 -15.59 19.03
CA GLN A 75 22.06 -15.94 20.19
C GLN A 75 22.70 -14.73 20.90
N MSE A 76 22.58 -13.53 20.34
CA MSE A 76 23.14 -12.34 21.00
C MSE A 76 22.41 -12.10 22.32
O MSE A 76 21.25 -12.44 22.47
CB MSE A 76 23.01 -11.10 20.11
CG MSE A 76 23.79 -11.30 18.82
SE MSE A 76 23.76 -9.62 17.76
CE MSE A 76 24.30 -10.44 16.04
N MSE A 77 23.13 -11.50 23.27
CA MSE A 77 22.61 -11.28 24.62
C MSE A 77 21.89 -9.98 24.59
O MSE A 77 22.48 -8.97 24.27
CB MSE A 77 23.72 -11.26 25.68
CG MSE A 77 24.58 -12.50 25.48
SE MSE A 77 25.61 -13.12 27.06
CE MSE A 77 25.71 -11.51 28.16
N ARG A 78 20.60 -9.99 24.90
CA ARG A 78 19.77 -8.79 24.77
C ARG A 78 18.76 -8.69 25.90
N THR A 79 18.72 -7.53 26.55
CA THR A 79 17.68 -7.21 27.53
C THR A 79 17.38 -5.75 27.31
N GLU A 80 16.24 -5.47 26.68
CA GLU A 80 15.95 -4.12 26.20
C GLU A 80 14.47 -3.80 26.37
N LEU A 81 14.18 -2.64 26.93
CA LEU A 81 12.81 -2.10 26.94
C LEU A 81 12.71 -1.04 25.86
N ILE A 82 11.49 -0.72 25.46
CA ILE A 82 11.22 0.32 24.48
C ILE A 82 10.16 1.25 25.04
N PRO A 83 10.30 2.56 24.80
CA PRO A 83 9.25 3.44 25.28
C PRO A 83 7.90 3.08 24.71
N GLN A 84 6.88 3.08 25.55
CA GLN A 84 5.50 2.97 25.13
C GLN A 84 4.88 4.35 25.21
N THR A 85 4.46 4.90 24.07
CA THR A 85 3.82 6.21 24.01
C THR A 85 3.05 6.36 22.72
N ASN A 86 2.04 7.22 22.71
CA ASN A 86 1.35 7.64 21.48
C ASN A 86 1.92 8.92 20.91
N ALA A 87 2.83 9.54 21.64
CA ALA A 87 3.47 10.79 21.21
C ALA A 87 4.44 10.61 20.06
N ASN A 88 4.80 11.71 19.43
CA ASN A 88 5.85 11.69 18.42
C ASN A 88 7.19 11.96 19.08
N LEU A 89 8.01 10.92 19.17
CA LEU A 89 9.34 11.05 19.77
C LEU A 89 10.43 11.37 18.73
N GLY A 90 10.00 11.79 17.53
CA GLY A 90 10.91 11.97 16.43
C GLY A 90 10.62 13.19 15.57
N GLN A 91 10.04 14.22 16.16
CA GLN A 91 9.93 15.52 15.50
C GLN A 91 10.51 16.62 16.38
N GLY A 92 10.99 17.68 15.73
CA GLY A 92 11.54 18.82 16.43
C GLY A 92 12.87 18.49 17.06
N ASN A 93 13.21 19.21 18.11
CA ASN A 93 14.44 18.99 18.87
C ASN A 93 14.07 18.41 20.22
N LEU A 94 14.49 17.15 20.46
CA LEU A 94 14.14 16.45 21.69
C LEU A 94 15.40 15.96 22.37
N PHE A 95 15.29 15.75 23.66
CA PHE A 95 16.42 15.40 24.49
C PHE A 95 16.10 14.11 25.19
N TYR A 96 16.91 13.10 24.88
CA TYR A 96 16.67 11.78 25.41
C TYR A 96 17.60 11.59 26.60
N HIS A 97 17.05 11.64 27.80
CA HIS A 97 17.85 11.59 29.02
C HIS A 97 17.95 10.19 29.60
N PHE A 98 19.12 9.89 30.15
CA PHE A 98 19.29 8.71 30.98
C PHE A 98 20.60 8.82 31.74
N SER A 99 20.72 8.00 32.78
CA SER A 99 21.95 7.83 33.53
C SER A 99 22.27 6.36 33.62
N ILE A 100 23.54 6.03 33.48
CA ILE A 100 23.98 4.67 33.44
C ILE A 100 25.24 4.45 34.30
N LYS A 101 25.36 3.27 34.86
CA LYS A 101 26.59 2.87 35.54
C LYS A 101 26.78 1.37 35.56
N ARG A 102 27.98 0.99 35.95
CA ARG A 102 28.31 -0.40 36.26
C ARG A 102 28.88 -0.47 37.67
N THR A 103 28.98 -1.68 38.21
CA THR A 103 29.72 -1.90 39.46
C THR A 103 30.86 -2.87 39.17
N ASN A 104 31.50 -3.34 40.22
CA ASN A 104 32.48 -4.40 40.09
C ASN A 104 31.84 -5.78 40.01
N THR A 105 30.58 -5.90 40.46
CA THR A 105 29.84 -7.17 40.37
C THR A 105 29.22 -7.32 38.98
N ASN A 106 29.34 -8.52 38.39
CA ASN A 106 28.86 -8.81 37.05
C ASN A 106 29.25 -7.68 36.10
N ALA A 107 30.51 -7.28 36.16
CA ALA A 107 31.00 -6.14 35.41
C ALA A 107 30.96 -6.47 33.93
N PRO A 108 30.45 -5.56 33.09
CA PRO A 108 30.52 -5.83 31.67
C PRO A 108 31.94 -6.20 31.20
N ASP A 109 32.02 -7.11 30.23
CA ASP A 109 33.29 -7.61 29.68
C ASP A 109 33.89 -6.64 28.67
N PRO A 110 34.99 -5.95 29.03
CA PRO A 110 35.59 -4.98 28.10
C PRO A 110 36.27 -5.57 26.85
N THR A 111 36.35 -6.90 26.76
CA THR A 111 36.89 -7.54 25.55
C THR A 111 35.81 -7.81 24.47
N LEU A 112 34.55 -7.51 24.76
CA LEU A 112 33.43 -7.85 23.88
C LEU A 112 32.59 -6.63 23.54
N GLU A 113 32.05 -6.61 22.32
CA GLU A 113 31.28 -5.45 21.85
C GLU A 113 29.89 -5.42 22.49
N HIS A 114 29.49 -4.24 22.97
CA HIS A 114 28.16 -3.95 23.52
C HIS A 114 27.59 -2.75 22.83
N GLN A 115 26.27 -2.76 22.62
CA GLN A 115 25.54 -1.60 22.16
C GLN A 115 24.48 -1.30 23.19
N VAL A 116 24.44 -0.06 23.65
CA VAL A 116 23.62 0.30 24.78
C VAL A 116 22.91 1.61 24.51
N MSE A 117 21.65 1.69 24.92
CA MSE A 117 20.86 2.91 24.75
C MSE A 117 20.86 3.34 23.30
O MSE A 117 21.21 4.46 22.96
CB MSE A 117 21.39 3.99 25.72
CG MSE A 117 21.52 3.58 27.20
SE MSE A 117 19.83 2.92 28.01
CE MSE A 117 18.69 4.42 27.40
N PHE A 118 20.43 2.44 22.43
CA PHE A 118 20.55 2.60 20.99
C PHE A 118 19.20 2.65 20.30
N PHE A 119 19.14 3.45 19.23
CA PHE A 119 18.03 3.36 18.30
C PHE A 119 18.24 2.15 17.42
N GLU A 120 17.14 1.61 16.87
CA GLU A 120 17.19 0.45 15.97
C GLU A 120 18.22 0.62 14.86
N SER A 121 18.25 1.80 14.26
CA SER A 121 19.17 2.12 13.16
C SER A 121 20.60 2.43 13.62
N HIS A 122 20.80 2.50 14.93
CA HIS A 122 22.09 2.83 15.54
C HIS A 122 22.60 4.21 15.11
N PHE A 123 21.70 5.11 14.77
CA PHE A 123 22.12 6.43 14.33
C PHE A 123 22.78 7.16 15.50
N THR A 124 22.40 6.81 16.73
CA THR A 124 23.18 7.17 17.92
C THR A 124 23.03 6.07 18.95
N GLU A 125 24.06 5.91 19.77
CA GLU A 125 24.12 4.88 20.78
C GLU A 125 25.41 5.00 21.56
N LEU A 126 25.49 4.22 22.63
CA LEU A 126 26.71 4.06 23.38
C LEU A 126 27.22 2.69 23.06
N LYS A 127 28.52 2.54 23.03
CA LYS A 127 29.13 1.21 23.01
C LYS A 127 30.19 1.03 24.10
N TYR A 128 30.54 -0.23 24.32
CA TYR A 128 31.59 -0.61 25.25
C TYR A 128 32.29 -1.86 24.70
N GLY A 129 33.59 -1.96 24.96
CA GLY A 129 34.40 -3.14 24.65
C GLY A 129 34.93 -3.18 23.24
N VAL A 130 35.10 -2.01 22.62
CA VAL A 130 35.41 -1.89 21.19
C VAL A 130 36.34 -0.71 20.95
N GLY A 131 37.05 -0.73 19.82
CA GLY A 131 37.88 0.38 19.41
C GLY A 131 39.23 0.44 20.11
N SER A 132 39.86 1.61 20.00
CA SER A 132 41.14 1.90 20.63
C SER A 132 41.14 1.67 22.15
N ASN A 133 40.09 2.15 22.81
CA ASN A 133 39.96 2.11 24.26
C ASN A 133 38.74 1.26 24.64
N PRO A 134 38.92 -0.06 24.66
CA PRO A 134 37.73 -0.89 24.87
C PRO A 134 37.13 -0.77 26.29
N SER A 135 37.91 -0.32 27.27
CA SER A 135 37.39 -0.08 28.62
C SER A 135 36.73 1.28 28.78
N ASN A 136 36.63 2.04 27.68
CA ASN A 136 35.86 3.26 27.68
C ASN A 136 34.43 3.03 27.25
N LEU A 137 33.56 3.83 27.83
CA LEU A 137 32.20 3.96 27.37
C LEU A 137 32.23 5.04 26.27
N GLY A 138 32.02 4.64 25.02
CA GLY A 138 31.97 5.58 23.90
C GLY A 138 30.57 5.90 23.42
N TRP A 139 30.36 7.16 23.05
CA TRP A 139 29.14 7.60 22.37
C TRP A 139 29.41 7.74 20.90
N TYR A 140 28.45 7.25 20.11
CA TYR A 140 28.54 7.27 18.67
C TYR A 140 27.40 8.06 18.05
N ALA A 141 27.68 8.67 16.91
CA ALA A 141 26.65 9.34 16.11
C ALA A 141 26.97 9.13 14.63
N GLY A 142 26.00 8.61 13.88
CA GLY A 142 26.19 8.37 12.45
C GLY A 142 27.17 7.25 12.12
N GLY A 143 27.51 6.42 13.10
CA GLY A 143 28.43 5.31 12.92
C GLY A 143 29.83 5.57 13.44
N THR A 144 30.08 6.77 13.94
CA THR A 144 31.41 7.22 14.33
C THR A 144 31.46 7.64 15.80
N GLU A 145 32.42 7.10 16.55
CA GLU A 145 32.65 7.54 17.95
C GLU A 145 33.00 9.01 17.99
N ARG A 146 32.28 9.77 18.80
CA ARG A 146 32.54 11.20 18.98
C ARG A 146 33.04 11.53 20.38
N TRP A 147 32.95 10.58 21.31
CA TRP A 147 33.22 10.88 22.70
C TRP A 147 33.37 9.57 23.45
N SER A 148 34.20 9.57 24.49
CA SER A 148 34.36 8.38 25.30
C SER A 148 35.00 8.74 26.61
N THR A 149 34.85 7.86 27.59
CA THR A 149 35.34 8.13 28.92
C THR A 149 35.56 6.79 29.59
N PRO A 150 36.64 6.67 30.39
CA PRO A 150 36.79 5.43 31.13
C PRO A 150 35.53 5.04 31.89
N PHE A 151 35.06 3.81 31.70
CA PHE A 151 33.82 3.37 32.34
C PHE A 151 34.12 2.94 33.80
N THR A 152 34.33 3.95 34.65
CA THR A 152 34.70 3.76 36.03
C THR A 152 33.57 3.09 36.81
N ALA A 153 33.91 2.06 37.58
CA ALA A 153 32.95 1.39 38.44
C ALA A 153 32.34 2.36 39.44
N ASP A 154 31.03 2.25 39.61
CA ASP A 154 30.24 3.06 40.55
C ASP A 154 30.07 4.55 40.25
N THR A 155 30.64 5.02 39.17
CA THR A 155 30.40 6.38 38.73
C THR A 155 29.11 6.44 37.91
N TRP A 156 28.26 7.42 38.19
CA TRP A 156 26.99 7.52 37.46
C TRP A 156 27.22 8.46 36.30
N PHE A 157 27.04 7.94 35.10
CA PHE A 157 27.24 8.70 33.88
C PHE A 157 25.90 9.16 33.35
N ASN A 158 25.75 10.48 33.35
CA ASN A 158 24.53 11.13 32.92
C ASN A 158 24.68 11.49 31.48
N PHE A 159 23.64 11.27 30.70
CA PHE A 159 23.63 11.65 29.30
C PHE A 159 22.31 12.25 28.89
N ALA A 160 22.40 13.10 27.88
CA ALA A 160 21.26 13.37 27.03
C ALA A 160 21.69 13.44 25.56
N TYR A 161 20.94 12.71 24.72
CA TYR A 161 21.05 12.85 23.29
C TYR A 161 20.21 14.07 22.86
N ASP A 162 20.88 15.05 22.27
CA ASP A 162 20.27 16.28 21.80
C ASP A 162 19.98 16.03 20.34
N ILE A 163 18.75 15.61 20.02
CA ILE A 163 18.42 15.15 18.68
C ILE A 163 17.56 16.22 17.99
N ASP A 164 18.06 16.71 16.85
CA ASP A 164 17.31 17.62 15.99
C ASP A 164 16.78 16.77 14.85
N PHE A 165 15.51 16.41 14.94
CA PHE A 165 14.88 15.52 13.96
C PHE A 165 14.58 16.23 12.62
N THR A 166 14.59 17.57 12.62
CA THR A 166 14.34 18.36 11.41
C THR A 166 15.63 18.51 10.59
N ALA A 167 16.71 18.97 11.21
CA ALA A 167 18.00 19.09 10.53
C ALA A 167 18.68 17.72 10.38
N LYS A 168 18.19 16.71 11.09
CA LYS A 168 18.78 15.37 11.06
C LYS A 168 20.20 15.36 11.63
N THR A 169 20.32 15.93 12.82
CA THR A 169 21.57 15.92 13.57
C THR A 169 21.37 15.51 15.02
N VAL A 170 22.45 15.04 15.63
CA VAL A 170 22.49 14.66 17.04
C VAL A 170 23.80 15.13 17.74
N GLY A 171 23.62 15.76 18.90
CA GLY A 171 24.73 16.10 19.77
C GLY A 171 24.61 15.34 21.08
N LEU A 172 25.55 15.60 22.00
CA LEU A 172 25.58 14.88 23.26
C LEU A 172 25.80 15.83 24.45
N TRP A 173 24.95 15.69 25.46
CA TRP A 173 25.17 16.33 26.76
C TRP A 173 25.65 15.24 27.73
N ALA A 174 26.58 15.57 28.61
CA ALA A 174 27.13 14.59 29.55
C ALA A 174 27.64 15.24 30.84
N SER A 175 27.61 14.43 31.90
CA SER A 175 28.22 14.77 33.18
C SER A 175 28.23 13.49 34.01
N THR A 176 28.87 13.56 35.19
CA THR A 176 28.85 12.45 36.15
C THR A 176 28.08 12.81 37.42
N ASN A 177 27.59 11.78 38.08
CA ASN A 177 26.95 11.88 39.39
C ASN A 177 25.92 12.99 39.49
N GLY A 178 26.12 13.98 40.37
CA GLY A 178 25.16 15.07 40.57
C GLY A 178 25.46 16.35 39.82
N ASN A 179 26.48 16.34 38.94
CA ASN A 179 26.90 17.54 38.22
C ASN A 179 25.97 17.80 37.04
N PRO A 180 25.75 19.07 36.70
CA PRO A 180 24.80 19.34 35.61
C PRO A 180 25.35 18.94 34.25
N LEU A 181 24.45 18.57 33.34
CA LEU A 181 24.83 18.24 31.99
C LEU A 181 25.49 19.43 31.28
N VAL A 182 26.57 19.14 30.57
CA VAL A 182 27.23 20.10 29.69
C VAL A 182 27.23 19.46 28.32
N LYS A 183 27.09 20.29 27.28
CA LYS A 183 27.12 19.81 25.90
C LYS A 183 28.57 19.52 25.47
N VAL A 184 28.92 18.24 25.39
CA VAL A 184 30.30 17.81 25.13
C VAL A 184 30.53 17.49 23.64
N VAL A 185 29.47 17.22 22.91
CA VAL A 185 29.59 17.06 21.47
C VAL A 185 28.50 17.88 20.75
N GLN A 186 28.94 18.82 19.93
CA GLN A 186 28.07 19.60 19.09
C GLN A 186 27.42 18.68 18.10
N ASN A 187 26.26 19.09 17.58
CA ASN A 187 25.45 18.20 16.73
C ASN A 187 26.18 17.82 15.45
N VAL A 188 26.08 16.55 15.07
CA VAL A 188 26.71 16.01 13.87
C VAL A 188 25.65 15.31 13.03
N PRO A 189 25.84 15.22 11.70
CA PRO A 189 24.80 14.59 10.88
C PRO A 189 24.59 13.11 11.17
N ALA A 190 23.32 12.71 11.16
CA ALA A 190 22.97 11.30 11.23
C ALA A 190 21.57 11.12 10.71
N ASN A 191 21.24 9.91 10.29
CA ASN A 191 19.89 9.60 9.88
C ASN A 191 19.04 9.37 11.14
N THR A 192 18.37 10.43 11.58
CA THR A 192 17.71 10.45 12.88
C THR A 192 16.28 9.89 12.88
N PHE A 193 15.91 9.15 11.83
CA PHE A 193 14.56 8.65 11.77
C PHE A 193 14.30 7.72 12.94
N THR A 194 13.20 7.98 13.65
CA THR A 194 12.66 7.03 14.59
C THR A 194 11.17 6.88 14.36
N ASP A 195 10.65 5.67 14.59
CA ASP A 195 9.21 5.41 14.50
C ASP A 195 8.52 5.55 15.88
N SER A 196 9.26 6.11 16.84
CA SER A 196 8.80 6.30 18.21
C SER A 196 8.51 5.01 19.00
N ARG A 197 8.87 3.85 18.46
CA ARG A 197 8.88 2.61 19.23
C ARG A 197 10.11 1.80 18.88
N ASP A 198 11.24 2.49 18.77
CA ASP A 198 12.50 1.85 18.37
C ASP A 198 13.74 2.37 19.12
N PHE A 199 13.54 2.98 20.28
CA PHE A 199 14.64 3.32 21.15
C PHE A 199 14.80 2.26 22.25
N HIS A 200 15.99 1.68 22.33
CA HIS A 200 16.24 0.50 23.13
C HIS A 200 16.87 0.88 24.45
N VAL A 201 16.04 0.89 25.49
CA VAL A 201 16.52 1.18 26.82
C VAL A 201 17.05 -0.13 27.40
N GLY A 202 18.34 -0.35 27.26
CA GLY A 202 18.95 -1.62 27.66
C GLY A 202 20.24 -1.92 26.93
N VAL A 203 20.54 -3.23 26.84
CA VAL A 203 21.87 -3.69 26.44
C VAL A 203 21.81 -4.85 25.50
N LEU A 204 22.61 -4.76 24.45
CA LEU A 204 22.88 -5.86 23.55
C LEU A 204 24.34 -6.15 23.64
N ARG A 205 24.68 -7.43 23.79
CA ARG A 205 26.05 -7.91 23.58
C ARG A 205 26.07 -9.00 22.50
N ILE A 206 26.99 -8.89 21.54
CA ILE A 206 27.01 -9.81 20.40
C ILE A 206 27.42 -11.22 20.83
N VAL A 207 28.56 -11.35 21.52
CA VAL A 207 29.06 -12.67 21.92
C VAL A 207 28.32 -13.20 23.14
N ASN A 208 27.79 -14.42 23.04
CA ASN A 208 27.02 -15.03 24.10
C ASN A 208 27.88 -15.98 24.94
N ARG A 209 28.07 -15.62 26.20
CA ARG A 209 28.63 -16.55 27.19
C ARG A 209 28.50 -16.00 28.60
N ASN A 210 28.66 -16.90 29.57
CA ASN A 210 28.81 -16.54 30.96
C ASN A 210 30.14 -15.86 31.21
N PRO A 211 30.26 -15.12 32.32
CA PRO A 211 29.26 -14.87 33.34
C PRO A 211 28.31 -13.73 32.95
N PRO A 212 27.29 -13.46 33.78
CA PRO A 212 26.34 -12.40 33.43
C PRO A 212 26.91 -11.01 33.57
N GLU A 213 26.25 -10.03 32.93
CA GLU A 213 26.57 -8.62 33.10
C GLU A 213 25.38 -7.87 33.73
N ASP A 214 25.67 -6.94 34.63
CA ASP A 214 24.69 -6.00 35.14
C ASP A 214 25.03 -4.60 34.64
N TRP A 215 24.01 -3.92 34.15
CA TRP A 215 24.09 -2.50 33.85
C TRP A 215 23.00 -1.84 34.67
N TYR A 216 23.25 -0.64 35.18
CA TYR A 216 22.24 0.08 35.94
C TYR A 216 21.81 1.33 35.19
N VAL A 217 20.50 1.57 35.18
CA VAL A 217 19.92 2.67 34.39
C VAL A 217 18.96 3.43 35.28
N SER A 218 19.02 4.75 35.28
CA SER A 218 18.02 5.55 35.98
C SER A 218 17.79 6.91 35.34
N GLY A 219 16.73 7.57 35.75
CA GLY A 219 16.42 8.92 35.29
C GLY A 219 16.19 8.99 33.78
N VAL A 220 15.35 8.09 33.27
CA VAL A 220 15.10 8.00 31.84
C VAL A 220 13.87 8.83 31.48
N TYR A 221 14.04 9.75 30.53
CA TYR A 221 12.90 10.52 29.99
C TYR A 221 13.28 11.26 28.71
N ILE A 222 12.28 11.82 28.05
CA ILE A 222 12.44 12.55 26.80
C ILE A 222 11.68 13.84 26.94
N GLU A 223 12.37 14.96 26.74
CA GLU A 223 11.77 16.27 26.92
C GLU A 223 11.98 17.12 25.67
N GLU A 224 11.16 18.15 25.53
CA GLU A 224 11.45 19.19 24.57
C GLU A 224 12.50 20.11 25.17
N GLY A 225 13.01 21.02 24.34
CA GLY A 225 13.91 22.07 24.81
C GLY A 225 13.14 23.14 25.57
N PRO A 226 13.87 24.01 26.29
CA PRO A 226 15.32 23.91 26.42
C PRO A 226 15.70 22.79 27.40
N ILE A 227 16.87 22.22 27.20
CA ILE A 227 17.32 21.06 27.99
C ILE A 227 17.32 21.37 29.49
N THR A 228 16.91 20.40 30.30
CA THR A 228 17.09 20.43 31.73
C THR A 228 18.50 19.90 32.02
N THR A 229 19.38 20.77 32.53
CA THR A 229 20.79 20.38 32.72
C THR A 229 20.99 19.85 34.14
N GLN A 230 20.14 20.30 35.06
CA GLN A 230 20.28 20.00 36.47
C GLN A 230 19.86 18.56 36.75
N ILE A 231 20.71 17.86 37.49
CA ILE A 231 20.42 16.50 37.94
C ILE A 231 19.68 16.58 39.25
N GLY A 232 18.51 15.96 39.30
CA GLY A 232 17.68 15.94 40.50
C GLY A 232 17.31 17.33 40.96
N ASP A 233 17.37 17.55 42.27
CA ASP A 233 17.12 18.88 42.86
C ASP A 233 18.37 19.77 42.89
N GLY A 234 19.48 19.32 42.31
CA GLY A 234 20.71 20.11 42.19
C GLY A 234 21.64 20.01 43.40
N ALA A 235 21.19 19.35 44.47
CA ALA A 235 21.91 19.30 45.74
C ALA A 235 23.28 18.61 45.65
N ALA A 236 23.39 17.55 44.86
CA ALA A 236 24.66 16.82 44.74
C ALA A 236 25.72 17.50 43.86
N ALA A 237 25.33 18.57 43.17
CA ALA A 237 26.27 19.37 42.36
C ALA A 237 27.15 20.22 43.26
N GLY B 1 5.30 9.69 11.64
CA GLY B 1 6.12 8.46 11.49
C GLY B 1 6.69 8.35 10.08
N ARG B 2 6.96 7.12 9.66
CA ARG B 2 7.53 6.87 8.34
C ARG B 2 6.67 7.52 7.25
N ILE B 3 7.31 8.21 6.32
CA ILE B 3 6.62 8.74 5.15
C ILE B 3 6.50 7.58 4.17
N VAL B 4 5.26 7.25 3.83
CA VAL B 4 4.91 6.16 2.93
C VAL B 4 4.97 6.65 1.46
N TRP B 5 4.51 7.87 1.24
CA TRP B 5 4.58 8.51 -0.07
C TRP B 5 4.77 10.01 0.13
N ASP B 6 5.73 10.59 -0.58
CA ASP B 6 6.01 12.00 -0.52
C ASP B 6 5.51 12.69 -1.79
N GLY B 7 4.71 13.73 -1.63
CA GLY B 7 4.17 14.53 -2.74
C GLY B 7 4.87 15.86 -2.90
N SER B 8 6.09 15.92 -2.40
CA SER B 8 7.03 17.03 -2.65
C SER B 8 7.16 17.34 -4.13
N PHE B 9 7.19 18.63 -4.47
CA PHE B 9 7.44 19.04 -5.85
C PHE B 9 8.92 19.31 -6.17
N ASN B 10 9.83 18.88 -5.30
CA ASN B 10 11.27 19.08 -5.54
C ASN B 10 11.80 18.47 -6.84
N ASN B 11 11.27 17.32 -7.25
CA ASN B 11 11.67 16.69 -8.51
C ASN B 11 10.94 17.26 -9.73
N TYR B 12 9.93 18.09 -9.51
CA TYR B 12 9.21 18.72 -10.60
C TYR B 12 9.63 20.18 -10.66
N THR B 13 10.53 20.48 -11.60
CA THR B 13 11.11 21.82 -11.74
C THR B 13 10.29 22.73 -12.65
N THR B 14 9.74 22.16 -13.73
CA THR B 14 8.90 22.91 -14.68
C THR B 14 7.67 22.07 -15.05
N PRO B 15 6.63 22.71 -15.62
CA PRO B 15 5.40 21.99 -15.98
C PRO B 15 5.60 20.73 -16.81
N ALA B 16 6.61 20.77 -17.68
CA ALA B 16 6.93 19.64 -18.55
C ALA B 16 7.43 18.45 -17.76
N ASP B 17 7.94 18.68 -16.55
CA ASP B 17 8.34 17.56 -15.71
C ASP B 17 7.15 16.65 -15.38
N PHE B 18 5.94 17.20 -15.37
CA PHE B 18 4.74 16.39 -15.11
C PHE B 18 4.38 15.48 -16.30
N ASP B 19 4.90 15.84 -17.48
CA ASP B 19 4.60 15.13 -18.73
C ASP B 19 5.48 13.88 -18.95
N ARG B 20 6.53 13.69 -18.14
CA ARG B 20 7.31 12.45 -18.26
C ARG B 20 6.49 11.21 -17.89
N TRP B 21 5.59 11.35 -16.93
CA TRP B 21 4.69 10.25 -16.57
C TRP B 21 3.70 9.94 -17.70
N SER B 22 3.42 8.65 -17.88
CA SER B 22 2.33 8.17 -18.74
C SER B 22 1.87 6.85 -18.16
N TRP B 23 0.77 6.31 -18.66
CA TRP B 23 0.31 5.00 -18.19
C TRP B 23 1.28 3.85 -18.51
N ALA B 24 2.05 3.99 -19.58
CA ALA B 24 3.07 2.98 -19.93
C ALA B 24 4.42 3.30 -19.30
N ASN B 25 4.56 4.51 -18.77
CA ASN B 25 5.79 4.96 -18.16
C ASN B 25 5.50 5.66 -16.83
N GLN B 26 5.23 4.86 -15.80
CA GLN B 26 4.69 5.39 -14.54
C GLN B 26 5.77 5.89 -13.61
N VAL B 27 6.55 6.83 -14.12
CA VAL B 27 7.70 7.34 -13.39
C VAL B 27 7.24 8.39 -12.40
N GLY B 28 8.07 8.60 -11.39
CA GLY B 28 7.91 9.69 -10.43
C GLY B 28 6.85 9.41 -9.39
N THR B 29 6.33 10.49 -8.82
CA THR B 29 5.45 10.42 -7.64
C THR B 29 4.03 10.95 -7.89
N TYR B 30 3.75 11.47 -9.09
CA TYR B 30 2.39 11.87 -9.43
C TYR B 30 1.93 11.36 -10.80
N GLN B 31 0.71 10.82 -10.84
CA GLN B 31 0.04 10.50 -12.09
C GLN B 31 -0.63 11.76 -12.61
N TRP B 32 -0.49 12.05 -13.91
CA TRP B 32 -1.02 13.29 -14.51
C TRP B 32 -1.86 12.97 -15.75
N TYR B 33 -3.16 12.83 -15.52
CA TYR B 33 -4.10 12.52 -16.59
C TYR B 33 -5.47 13.20 -16.48
N ILE B 34 -5.87 13.64 -15.28
CA ILE B 34 -7.17 14.26 -15.09
C ILE B 34 -7.02 15.74 -15.42
N LYS B 35 -7.22 16.04 -16.69
CA LYS B 35 -6.92 17.37 -17.21
C LYS B 35 -7.63 17.66 -18.53
N GLY B 36 -7.59 18.94 -18.91
CA GLY B 36 -8.08 19.39 -20.19
C GLY B 36 -7.13 19.05 -21.30
N SER B 37 -7.42 19.55 -22.49
CA SER B 37 -6.57 19.34 -23.67
C SER B 37 -5.43 20.33 -23.81
N GLY B 38 -5.40 21.38 -23.02
CA GLY B 38 -4.34 22.39 -23.15
C GLY B 38 -2.97 21.86 -22.77
N PRO B 39 -1.92 22.68 -22.97
CA PRO B 39 -0.60 22.27 -22.45
C PRO B 39 -0.62 22.17 -20.94
N THR B 40 0.28 21.37 -20.39
CA THR B 40 0.36 21.18 -18.95
C THR B 40 0.53 22.51 -18.22
N SER B 41 1.32 23.41 -18.79
CA SER B 41 1.55 24.72 -18.19
C SER B 41 0.28 25.58 -18.14
N ARG B 42 -0.78 25.20 -18.84
CA ARG B 42 -2.06 25.89 -18.64
C ARG B 42 -2.62 25.61 -17.26
N TYR B 43 -2.28 24.46 -16.70
CA TYR B 43 -2.98 23.96 -15.52
C TYR B 43 -2.10 23.87 -14.30
N LEU B 44 -0.83 23.53 -14.49
CA LEU B 44 0.09 23.29 -13.36
C LEU B 44 1.33 24.18 -13.53
N ASN B 45 1.65 24.96 -12.51
CA ASN B 45 2.81 25.88 -12.53
C ASN B 45 3.52 25.87 -11.21
N LEU B 46 4.82 26.13 -11.26
CA LEU B 46 5.71 25.84 -10.12
C LEU B 46 6.63 27.00 -9.82
N ASP B 47 6.74 27.35 -8.55
CA ASP B 47 7.53 28.50 -8.13
C ASP B 47 7.83 28.39 -6.63
N PRO B 48 9.01 28.87 -6.18
CA PRO B 48 9.27 28.95 -4.73
C PRO B 48 8.22 29.72 -3.94
N SER B 49 7.58 30.70 -4.57
CA SER B 49 6.59 31.51 -3.87
C SER B 49 5.25 30.81 -3.75
N TYR B 50 5.08 29.66 -4.38
CA TYR B 50 3.79 28.97 -4.35
C TYR B 50 3.70 27.98 -3.18
N LYS B 51 4.72 27.92 -2.32
CA LYS B 51 4.71 26.98 -1.19
C LYS B 51 4.52 27.69 0.14
N ASN B 52 4.05 26.94 1.12
CA ASN B 52 4.04 27.42 2.48
C ASN B 52 5.49 27.75 2.84
N PRO B 53 5.79 29.04 3.13
CA PRO B 53 7.20 29.41 3.32
C PRO B 53 7.89 28.76 4.54
N ALA B 54 7.12 28.28 5.50
CA ALA B 54 7.66 27.46 6.60
C ALA B 54 8.34 26.17 6.14
N ILE B 55 7.90 25.64 5.00
CA ILE B 55 8.40 24.36 4.49
C ILE B 55 9.65 24.60 3.65
N THR B 56 10.75 24.86 4.33
CA THR B 56 12.03 25.15 3.70
C THR B 56 12.65 23.93 2.99
N SER B 57 12.26 22.72 3.38
CA SER B 57 12.68 21.51 2.65
C SER B 57 12.10 21.40 1.22
N GLU B 58 10.98 22.09 0.97
CA GLU B 58 10.35 22.13 -0.36
C GLU B 58 10.93 23.27 -1.19
N LEU B 59 11.48 22.97 -2.36
CA LEU B 59 12.02 24.03 -3.23
C LEU B 59 10.90 24.94 -3.78
N ARG B 60 9.74 24.35 -4.06
CA ARG B 60 8.65 25.10 -4.67
C ARG B 60 7.29 24.46 -4.37
N GLY B 61 6.24 25.24 -4.62
CA GLY B 61 4.89 24.75 -4.48
C GLY B 61 4.26 24.75 -5.85
N LEU B 62 3.00 24.36 -5.88
CA LEU B 62 2.27 24.13 -7.08
C LEU B 62 1.08 25.07 -7.20
N LYS B 63 0.99 25.80 -8.30
CA LYS B 63 -0.24 26.50 -8.66
C LYS B 63 -1.09 25.57 -9.52
N VAL B 64 -2.32 25.32 -9.08
CA VAL B 64 -3.29 24.51 -9.83
C VAL B 64 -4.31 25.47 -10.46
N THR B 65 -4.34 25.58 -11.77
CA THR B 65 -5.37 26.40 -12.43
C THR B 65 -6.48 25.56 -13.07
N ILE B 66 -7.73 25.91 -12.80
CA ILE B 66 -8.84 25.42 -13.61
C ILE B 66 -9.41 26.58 -14.43
N ASP B 67 -9.65 26.33 -15.71
CA ASP B 67 -10.39 27.25 -16.57
C ASP B 67 -11.39 26.42 -17.39
N THR B 68 -12.08 27.07 -18.33
CA THR B 68 -13.17 26.41 -19.06
C THR B 68 -12.74 25.21 -19.90
N THR B 69 -11.44 25.17 -20.22
CA THR B 69 -10.81 24.10 -21.02
C THR B 69 -10.29 22.92 -20.16
N ALA B 70 -10.37 23.03 -18.83
CA ALA B 70 -9.97 21.93 -17.92
C ALA B 70 -11.07 20.87 -17.84
N THR B 71 -11.39 20.28 -18.98
CA THR B 71 -12.48 19.30 -19.10
C THR B 71 -11.90 17.96 -19.49
N TRP B 72 -12.06 16.95 -18.63
CA TRP B 72 -11.48 15.64 -18.86
C TRP B 72 -12.56 14.60 -19.18
N ASN B 73 -13.43 14.32 -18.22
CA ASN B 73 -14.46 13.30 -18.41
C ASN B 73 -15.87 13.89 -18.50
N SER B 74 -15.94 15.21 -18.51
CA SER B 74 -17.20 15.94 -18.43
C SER B 74 -16.90 17.42 -18.67
N GLN B 75 -17.92 18.28 -18.56
CA GLN B 75 -17.71 19.74 -18.67
C GLN B 75 -17.23 20.35 -17.36
N MSE B 76 -17.27 19.56 -16.29
CA MSE B 76 -16.71 19.98 -14.99
C MSE B 76 -15.25 20.37 -15.15
O MSE B 76 -14.51 19.75 -15.94
CB MSE B 76 -16.87 18.87 -13.97
CG MSE B 76 -18.31 18.45 -13.81
SE MSE B 76 -18.49 17.29 -12.23
CE MSE B 76 -20.35 16.78 -12.68
N MSE B 77 -14.83 21.42 -14.44
CA MSE B 77 -13.48 21.95 -14.52
C MSE B 77 -12.64 21.22 -13.51
O MSE B 77 -12.89 21.29 -12.31
CB MSE B 77 -13.47 23.43 -14.24
CG MSE B 77 -14.17 24.16 -15.37
SE MSE B 77 -14.44 26.07 -14.93
CE MSE B 77 -12.79 26.71 -14.09
N ARG B 78 -11.63 20.51 -14.02
CA ARG B 78 -10.86 19.58 -13.23
C ARG B 78 -9.38 19.72 -13.55
N THR B 79 -8.58 19.89 -12.52
CA THR B 79 -7.15 19.76 -12.61
C THR B 79 -6.70 19.00 -11.38
N GLU B 80 -6.41 17.72 -11.55
CA GLU B 80 -6.10 16.86 -10.41
C GLU B 80 -4.90 15.96 -10.72
N LEU B 81 -4.01 15.85 -9.74
CA LEU B 81 -2.93 14.85 -9.73
C LEU B 81 -3.35 13.72 -8.81
N ILE B 82 -2.72 12.56 -8.98
CA ILE B 82 -2.98 11.37 -8.15
C ILE B 82 -1.64 10.82 -7.74
N PRO B 83 -1.47 10.41 -6.46
CA PRO B 83 -0.20 9.77 -6.10
C PRO B 83 0.19 8.63 -7.02
N GLN B 84 1.46 8.62 -7.43
CA GLN B 84 2.07 7.51 -8.13
C GLN B 84 2.97 6.79 -7.13
N THR B 85 2.59 5.58 -6.76
CA THR B 85 3.34 4.81 -5.77
C THR B 85 2.95 3.34 -5.85
N ASN B 86 3.83 2.47 -5.34
CA ASN B 86 3.52 1.04 -5.14
C ASN B 86 3.12 0.77 -3.71
N ALA B 87 3.21 1.78 -2.85
CA ALA B 87 2.96 1.57 -1.44
C ALA B 87 1.47 1.37 -1.24
N ASN B 88 1.14 0.77 -0.12
CA ASN B 88 -0.24 0.62 0.29
C ASN B 88 -0.75 1.84 1.08
N LEU B 89 -1.61 2.65 0.45
CA LEU B 89 -2.09 3.90 1.06
C LEU B 89 -3.44 3.75 1.73
N GLY B 90 -3.89 2.53 1.90
CA GLY B 90 -5.24 2.26 2.41
C GLY B 90 -5.25 1.28 3.57
N GLN B 91 -4.12 1.11 4.25
CA GLN B 91 -4.09 0.21 5.44
C GLN B 91 -3.69 0.94 6.72
N GLY B 92 -4.34 0.57 7.80
CA GLY B 92 -3.97 1.04 9.14
C GLY B 92 -4.29 2.52 9.34
N ASN B 93 -3.49 3.16 10.19
CA ASN B 93 -3.66 4.57 10.48
C ASN B 93 -2.67 5.35 9.63
N LEU B 94 -3.19 6.13 8.70
CA LEU B 94 -2.36 6.99 7.85
C LEU B 94 -2.84 8.42 7.90
N PHE B 95 -1.88 9.33 7.70
CA PHE B 95 -2.15 10.74 7.77
C PHE B 95 -1.81 11.35 6.42
N TYR B 96 -2.81 11.94 5.79
CA TYR B 96 -2.67 12.55 4.48
C TYR B 96 -2.53 14.03 4.72
N HIS B 97 -1.31 14.52 4.51
CA HIS B 97 -0.98 15.91 4.73
C HIS B 97 -1.03 16.71 3.43
N PHE B 98 -1.47 17.97 3.55
CA PHE B 98 -1.36 18.96 2.49
C PHE B 98 -1.63 20.34 3.06
N SER B 99 -1.01 21.35 2.46
CA SER B 99 -1.27 22.74 2.78
C SER B 99 -1.83 23.41 1.52
N ILE B 100 -2.82 24.30 1.69
CA ILE B 100 -3.40 25.02 0.58
C ILE B 100 -3.64 26.49 0.87
N LYS B 101 -3.70 27.25 -0.19
CA LYS B 101 -3.83 28.71 -0.11
C LYS B 101 -4.52 29.20 -1.37
N ARG B 102 -5.15 30.36 -1.26
CA ARG B 102 -5.59 31.14 -2.41
C ARG B 102 -5.06 32.55 -2.24
N THR B 103 -5.05 33.32 -3.32
CA THR B 103 -4.79 34.77 -3.23
C THR B 103 -6.06 35.53 -3.66
N ASN B 104 -5.94 36.84 -3.86
CA ASN B 104 -7.04 37.63 -4.42
C ASN B 104 -7.03 37.69 -5.95
N THR B 105 -6.04 37.04 -6.56
CA THR B 105 -5.99 36.90 -8.00
C THR B 105 -6.60 35.57 -8.41
N ASN B 106 -7.51 35.60 -9.39
CA ASN B 106 -8.20 34.37 -9.81
C ASN B 106 -8.67 33.57 -8.58
N ALA B 107 -9.22 34.28 -7.60
CA ALA B 107 -9.77 33.68 -6.39
C ALA B 107 -10.89 32.73 -6.76
N PRO B 108 -10.93 31.55 -6.13
CA PRO B 108 -12.03 30.64 -6.40
C PRO B 108 -13.38 31.25 -6.11
N ASP B 109 -14.36 30.95 -6.95
CA ASP B 109 -15.69 31.53 -6.83
C ASP B 109 -16.44 30.89 -5.66
N PRO B 110 -16.76 31.67 -4.61
CA PRO B 110 -17.46 31.10 -3.47
C PRO B 110 -18.98 30.92 -3.65
N THR B 111 -19.51 31.15 -4.85
CA THR B 111 -20.91 30.81 -5.13
C THR B 111 -21.04 29.44 -5.80
N LEU B 112 -19.91 28.83 -6.14
CA LEU B 112 -19.88 27.60 -6.91
C LEU B 112 -19.21 26.49 -6.12
N GLU B 113 -19.81 25.31 -6.18
CA GLU B 113 -19.28 24.17 -5.46
C GLU B 113 -17.95 23.71 -6.03
N HIS B 114 -16.98 23.52 -5.14
CA HIS B 114 -15.75 22.82 -5.47
C HIS B 114 -15.54 21.62 -4.55
N GLN B 115 -14.80 20.64 -5.06
CA GLN B 115 -14.31 19.53 -4.25
C GLN B 115 -12.81 19.52 -4.42
N VAL B 116 -12.10 19.42 -3.30
CA VAL B 116 -10.67 19.61 -3.25
C VAL B 116 -10.04 18.54 -2.34
N MSE B 117 -8.87 18.04 -2.69
CA MSE B 117 -8.16 17.01 -1.90
C MSE B 117 -9.10 15.91 -1.47
O MSE B 117 -9.32 15.65 -0.29
CB MSE B 117 -7.50 17.64 -0.68
CG MSE B 117 -6.71 18.88 -1.08
SE MSE B 117 -5.20 18.40 -2.22
CE MSE B 117 -4.39 20.15 -2.59
N PHE B 118 -9.69 15.26 -2.47
CA PHE B 118 -10.78 14.32 -2.25
C PHE B 118 -10.45 12.92 -2.71
N PHE B 119 -10.99 11.94 -2.01
CA PHE B 119 -10.91 10.56 -2.48
C PHE B 119 -12.00 10.37 -3.48
N GLU B 120 -11.78 9.44 -4.41
CA GLU B 120 -12.73 9.11 -5.45
C GLU B 120 -14.12 8.85 -4.87
N SER B 121 -14.18 8.12 -3.76
CA SER B 121 -15.46 7.80 -3.12
C SER B 121 -16.03 8.97 -2.28
N HIS B 122 -15.24 10.04 -2.14
CA HIS B 122 -15.61 11.20 -1.36
C HIS B 122 -15.88 10.90 0.12
N PHE B 123 -15.29 9.83 0.66
CA PHE B 123 -15.51 9.49 2.08
C PHE B 123 -14.99 10.60 2.96
N THR B 124 -13.97 11.30 2.48
CA THR B 124 -13.52 12.54 3.08
C THR B 124 -12.96 13.46 1.98
N GLU B 125 -13.08 14.77 2.20
CA GLU B 125 -12.67 15.76 1.21
C GLU B 125 -12.78 17.18 1.76
N LEU B 126 -12.20 18.15 1.05
CA LEU B 126 -12.52 19.54 1.31
C LEU B 126 -13.48 20.04 0.24
N LYS B 127 -14.34 20.99 0.64
CA LYS B 127 -15.14 21.73 -0.31
C LYS B 127 -15.04 23.22 -0.09
N TYR B 128 -15.56 23.93 -1.09
CA TYR B 128 -15.63 25.35 -1.06
C TYR B 128 -16.79 25.79 -1.95
N GLY B 129 -17.43 26.88 -1.53
CA GLY B 129 -18.49 27.49 -2.29
C GLY B 129 -19.84 26.87 -2.02
N VAL B 130 -19.94 26.09 -0.94
CA VAL B 130 -21.17 25.39 -0.60
C VAL B 130 -21.54 25.49 0.87
N GLY B 131 -22.77 25.06 1.17
CA GLY B 131 -23.24 24.91 2.53
C GLY B 131 -23.60 26.22 3.21
N SER B 132 -23.62 26.15 4.54
CA SER B 132 -24.01 27.28 5.35
C SER B 132 -22.98 28.40 5.30
N ASN B 133 -21.70 28.05 5.05
CA ASN B 133 -20.64 29.05 4.95
C ASN B 133 -19.86 28.88 3.65
N PRO B 134 -20.43 29.36 2.53
CA PRO B 134 -19.84 29.10 1.22
C PRO B 134 -18.46 29.75 1.05
N SER B 135 -18.16 30.78 1.84
CA SER B 135 -16.85 31.41 1.80
C SER B 135 -15.86 30.74 2.73
N ASN B 136 -16.27 29.64 3.37
CA ASN B 136 -15.34 28.84 4.18
C ASN B 136 -14.86 27.60 3.46
N LEU B 137 -13.62 27.25 3.73
CA LEU B 137 -13.10 25.95 3.40
C LEU B 137 -13.78 24.96 4.34
N GLY B 138 -14.54 24.02 3.81
CA GLY B 138 -15.27 23.04 4.62
C GLY B 138 -14.71 21.62 4.51
N TRP B 139 -14.56 20.94 5.65
CA TRP B 139 -14.07 19.58 5.68
C TRP B 139 -15.23 18.61 5.93
N TYR B 140 -15.29 17.55 5.14
CA TYR B 140 -16.39 16.60 5.12
C TYR B 140 -15.90 15.21 5.44
N ALA B 141 -16.73 14.44 6.16
CA ALA B 141 -16.50 13.03 6.36
C ALA B 141 -17.86 12.32 6.31
N GLY B 142 -17.92 11.24 5.55
CA GLY B 142 -19.16 10.47 5.43
C GLY B 142 -20.28 11.29 4.81
N GLY B 143 -19.93 12.29 4.00
CA GLY B 143 -20.90 13.11 3.27
C GLY B 143 -21.33 14.42 3.92
N THR B 144 -20.91 14.66 5.17
CA THR B 144 -21.38 15.83 5.92
C THR B 144 -20.21 16.68 6.44
N GLU B 145 -20.41 18.01 6.36
CA GLU B 145 -19.42 18.99 6.82
C GLU B 145 -19.27 18.93 8.34
N ARG B 146 -18.06 18.66 8.82
CA ARG B 146 -17.78 18.54 10.27
C ARG B 146 -17.02 19.74 10.82
N TRP B 147 -16.50 20.58 9.95
CA TRP B 147 -15.61 21.65 10.35
C TRP B 147 -15.51 22.62 9.19
N SER B 148 -15.32 23.91 9.47
CA SER B 148 -15.00 24.86 8.40
C SER B 148 -14.27 26.06 8.95
N THR B 149 -13.58 26.79 8.07
CA THR B 149 -12.93 28.04 8.45
C THR B 149 -12.94 29.01 7.24
N PRO B 150 -13.05 30.33 7.46
CA PRO B 150 -13.00 31.27 6.32
C PRO B 150 -11.71 31.14 5.48
N PHE B 151 -11.88 31.21 4.16
CA PHE B 151 -10.80 30.91 3.27
C PHE B 151 -10.10 32.23 2.95
N THR B 152 -9.37 32.69 3.95
CA THR B 152 -8.69 33.99 3.92
C THR B 152 -7.56 33.99 2.90
N ALA B 153 -7.59 34.96 1.99
CA ALA B 153 -6.50 35.15 1.03
C ALA B 153 -5.14 35.14 1.71
N ASP B 154 -4.17 34.57 1.02
CA ASP B 154 -2.74 34.63 1.39
C ASP B 154 -2.32 33.90 2.66
N THR B 155 -3.26 33.20 3.30
CA THR B 155 -2.99 32.37 4.45
C THR B 155 -2.84 30.92 4.02
N TRP B 156 -1.73 30.28 4.39
CA TRP B 156 -1.58 28.85 4.14
C TRP B 156 -2.40 28.08 5.15
N PHE B 157 -3.26 27.19 4.66
CA PHE B 157 -4.09 26.33 5.51
C PHE B 157 -3.56 24.91 5.49
N ASN B 158 -2.98 24.49 6.61
CA ASN B 158 -2.37 23.18 6.75
C ASN B 158 -3.38 22.15 7.23
N PHE B 159 -3.37 20.98 6.61
CA PHE B 159 -4.30 19.91 7.00
C PHE B 159 -3.59 18.56 7.05
N ALA B 160 -4.19 17.64 7.81
CA ALA B 160 -3.90 16.25 7.66
C ALA B 160 -5.17 15.48 7.96
N TYR B 161 -5.57 14.59 7.06
CA TYR B 161 -6.64 13.67 7.35
C TYR B 161 -6.03 12.53 8.18
N ASP B 162 -6.64 12.26 9.32
CA ASP B 162 -6.17 11.25 10.26
C ASP B 162 -7.08 10.08 10.00
N ILE B 163 -6.61 9.13 9.19
CA ILE B 163 -7.50 8.08 8.70
C ILE B 163 -7.14 6.74 9.29
N ASP B 164 -8.14 6.06 9.83
CA ASP B 164 -7.95 4.71 10.35
C ASP B 164 -8.76 3.73 9.52
N PHE B 165 -8.06 3.02 8.63
CA PHE B 165 -8.70 2.15 7.66
C PHE B 165 -9.12 0.83 8.31
N THR B 166 -8.55 0.51 9.47
CA THR B 166 -8.96 -0.65 10.24
C THR B 166 -10.22 -0.30 11.03
N ALA B 167 -10.19 0.81 11.78
CA ALA B 167 -11.35 1.24 12.51
C ALA B 167 -12.42 1.90 11.61
N LYS B 168 -12.07 2.20 10.36
CA LYS B 168 -12.99 2.90 9.45
C LYS B 168 -13.50 4.19 10.06
N THR B 169 -12.54 5.06 10.38
CA THR B 169 -12.80 6.38 10.95
C THR B 169 -11.86 7.41 10.33
N VAL B 170 -12.31 8.65 10.37
CA VAL B 170 -11.47 9.72 9.86
C VAL B 170 -11.70 10.96 10.70
N GLY B 171 -10.62 11.65 11.06
CA GLY B 171 -10.68 12.89 11.79
C GLY B 171 -9.78 13.90 11.10
N LEU B 172 -9.64 15.09 11.68
CA LEU B 172 -8.89 16.14 11.02
C LEU B 172 -8.00 16.90 11.95
N TRP B 173 -6.79 17.16 11.47
CA TRP B 173 -5.87 18.07 12.10
C TRP B 173 -5.74 19.29 11.20
N ALA B 174 -5.49 20.44 11.81
CA ALA B 174 -5.35 21.69 11.07
C ALA B 174 -4.47 22.73 11.78
N SER B 175 -3.97 23.67 11.00
CA SER B 175 -3.38 24.89 11.53
C SER B 175 -3.12 25.83 10.34
N THR B 176 -2.61 27.03 10.62
CA THR B 176 -2.29 27.94 9.56
C THR B 176 -0.80 28.23 9.58
N ASN B 177 -0.30 28.65 8.43
CA ASN B 177 1.04 29.16 8.26
C ASN B 177 2.11 28.24 8.88
N GLY B 178 2.83 28.70 9.90
CA GLY B 178 3.93 27.92 10.49
C GLY B 178 3.53 27.15 11.74
N ASN B 179 2.27 27.29 12.16
CA ASN B 179 1.79 26.72 13.40
C ASN B 179 1.63 25.22 13.31
N PRO B 180 1.93 24.51 14.40
CA PRO B 180 1.84 23.05 14.35
C PRO B 180 0.40 22.57 14.24
N LEU B 181 0.23 21.43 13.60
CA LEU B 181 -1.09 20.85 13.43
C LEU B 181 -1.69 20.53 14.77
N VAL B 182 -2.96 20.87 14.93
CA VAL B 182 -3.69 20.50 16.13
C VAL B 182 -4.95 19.76 15.66
N LYS B 183 -5.39 18.80 16.43
CA LYS B 183 -6.57 18.04 16.05
C LYS B 183 -7.81 18.92 16.21
N VAL B 184 -8.53 19.16 15.12
CA VAL B 184 -9.76 19.98 15.20
C VAL B 184 -11.07 19.18 15.10
N VAL B 185 -11.00 17.95 14.61
CA VAL B 185 -12.19 17.05 14.61
C VAL B 185 -11.75 15.66 15.03
N GLN B 186 -12.28 15.18 16.16
CA GLN B 186 -12.02 13.81 16.57
C GLN B 186 -12.60 12.85 15.52
N ASN B 187 -11.91 11.73 15.32
CA ASN B 187 -12.24 10.75 14.30
C ASN B 187 -13.70 10.37 14.39
N VAL B 188 -14.38 10.32 13.24
CA VAL B 188 -15.77 9.91 13.15
C VAL B 188 -15.86 8.75 12.17
N PRO B 189 -16.92 7.90 12.26
CA PRO B 189 -17.09 6.81 11.31
C PRO B 189 -17.26 7.28 9.87
N ALA B 190 -16.58 6.61 8.95
CA ALA B 190 -16.81 6.79 7.53
C ALA B 190 -16.49 5.50 6.81
N ASN B 191 -17.00 5.38 5.59
CA ASN B 191 -16.58 4.28 4.73
C ASN B 191 -15.19 4.54 4.12
N THR B 192 -14.14 4.37 4.92
CA THR B 192 -12.77 4.63 4.49
C THR B 192 -12.31 3.58 3.46
N PHE B 193 -12.08 4.01 2.23
CA PHE B 193 -11.61 3.13 1.17
C PHE B 193 -10.78 3.88 0.15
N THR B 194 -9.67 3.28 -0.24
CA THR B 194 -8.83 3.80 -1.33
C THR B 194 -8.13 2.62 -1.96
N ASP B 195 -7.91 2.72 -3.27
CA ASP B 195 -7.13 1.73 -4.01
C ASP B 195 -5.68 2.21 -4.21
N SER B 196 -5.30 3.28 -3.51
CA SER B 196 -3.98 3.88 -3.56
C SER B 196 -3.70 4.63 -4.85
N ARG B 197 -4.72 4.74 -5.71
CA ARG B 197 -4.61 5.38 -7.02
C ARG B 197 -5.86 6.25 -7.23
N ASP B 198 -6.37 6.85 -6.16
CA ASP B 198 -7.67 7.55 -6.22
C ASP B 198 -7.81 8.72 -5.25
N PHE B 199 -6.68 9.25 -4.77
CA PHE B 199 -6.67 10.45 -3.96
C PHE B 199 -6.33 11.59 -4.89
N HIS B 200 -7.26 12.54 -5.01
CA HIS B 200 -7.13 13.63 -5.97
C HIS B 200 -6.49 14.86 -5.37
N VAL B 201 -5.22 15.05 -5.70
CA VAL B 201 -4.42 16.19 -5.29
C VAL B 201 -4.69 17.30 -6.29
N GLY B 202 -5.74 18.08 -6.03
CA GLY B 202 -6.12 19.15 -6.91
C GLY B 202 -7.53 19.60 -6.67
N VAL B 203 -8.15 20.14 -7.74
CA VAL B 203 -9.46 20.79 -7.66
C VAL B 203 -10.43 20.33 -8.74
N LEU B 204 -11.66 20.07 -8.32
CA LEU B 204 -12.79 19.88 -9.20
C LEU B 204 -13.82 20.98 -8.91
N ARG B 205 -14.35 21.62 -9.96
CA ARG B 205 -15.48 22.56 -9.85
C ARG B 205 -16.57 22.17 -10.82
N ILE B 206 -17.77 21.97 -10.31
CA ILE B 206 -18.84 21.41 -11.09
C ILE B 206 -19.26 22.30 -12.27
N VAL B 207 -19.50 23.58 -12.01
CA VAL B 207 -19.99 24.49 -13.04
C VAL B 207 -18.83 25.10 -13.85
N ASN B 208 -18.95 25.02 -15.17
CA ASN B 208 -17.96 25.52 -16.12
C ASN B 208 -18.24 26.94 -16.65
N ARG B 209 -17.42 27.91 -16.25
CA ARG B 209 -17.48 29.28 -16.74
C ARG B 209 -16.26 30.06 -16.29
N ASN B 210 -16.05 31.20 -16.93
CA ASN B 210 -14.95 32.11 -16.60
C ASN B 210 -15.29 32.93 -15.37
N PRO B 211 -14.29 33.55 -14.74
CA PRO B 211 -12.84 33.47 -15.00
C PRO B 211 -12.17 32.23 -14.40
N PRO B 212 -10.90 31.99 -14.76
CA PRO B 212 -10.15 30.86 -14.18
C PRO B 212 -10.05 30.98 -12.66
N GLU B 213 -9.63 29.90 -12.00
CA GLU B 213 -9.23 29.95 -10.60
C GLU B 213 -7.81 29.46 -10.45
N ASP B 214 -7.06 30.07 -9.54
CA ASP B 214 -5.76 29.53 -9.10
C ASP B 214 -5.89 29.06 -7.66
N TRP B 215 -5.42 27.85 -7.40
CA TRP B 215 -5.26 27.35 -6.04
C TRP B 215 -3.79 27.02 -5.86
N TYR B 216 -3.30 27.10 -4.63
CA TYR B 216 -1.90 26.82 -4.33
C TYR B 216 -1.77 25.63 -3.37
N VAL B 217 -0.82 24.74 -3.66
CA VAL B 217 -0.64 23.48 -2.94
C VAL B 217 0.82 23.25 -2.59
N SER B 218 1.09 22.89 -1.34
CA SER B 218 2.40 22.44 -0.94
C SER B 218 2.35 21.52 0.29
N GLY B 219 3.52 21.01 0.66
CA GLY B 219 3.65 20.14 1.83
C GLY B 219 2.76 18.92 1.79
N VAL B 220 2.63 18.30 0.61
CA VAL B 220 1.76 17.14 0.45
C VAL B 220 2.53 15.83 0.71
N TYR B 221 2.03 15.01 1.63
CA TYR B 221 2.66 13.71 1.89
C TYR B 221 1.73 12.76 2.69
N ILE B 222 2.06 11.48 2.68
CA ILE B 222 1.30 10.51 3.45
C ILE B 222 2.25 9.81 4.41
N GLU B 223 1.88 9.74 5.68
CA GLU B 223 2.74 9.10 6.66
C GLU B 223 1.97 8.18 7.59
N GLU B 224 2.72 7.25 8.17
CA GLU B 224 2.27 6.47 9.31
C GLU B 224 2.27 7.37 10.56
N GLY B 225 1.56 6.91 11.59
CA GLY B 225 1.62 7.53 12.89
C GLY B 225 2.96 7.27 13.57
N PRO B 226 3.29 8.04 14.61
CA PRO B 226 2.52 9.14 15.14
C PRO B 226 2.60 10.34 14.23
N ILE B 227 1.51 11.10 14.21
CA ILE B 227 1.44 12.20 13.28
C ILE B 227 2.62 13.18 13.52
N THR B 228 3.15 13.71 12.44
CA THR B 228 4.03 14.86 12.49
C THR B 228 3.13 16.10 12.57
N THR B 229 3.13 16.77 13.72
CA THR B 229 2.42 18.03 13.86
C THR B 229 3.20 19.22 13.29
N GLN B 230 4.51 19.11 13.31
CA GLN B 230 5.38 20.22 12.89
C GLN B 230 5.17 20.51 11.41
N ILE B 231 4.99 21.79 11.07
CA ILE B 231 4.89 22.20 9.68
C ILE B 231 6.27 22.70 9.27
N GLY B 232 6.82 22.11 8.22
CA GLY B 232 8.10 22.59 7.71
C GLY B 232 9.18 22.50 8.77
N ASP B 233 10.02 23.53 8.87
CA ASP B 233 11.16 23.45 9.76
C ASP B 233 10.80 23.82 11.19
N GLY B 234 9.54 24.17 11.44
CA GLY B 234 9.07 24.47 12.79
C GLY B 234 9.49 25.82 13.37
N ALA B 235 10.36 26.55 12.68
CA ALA B 235 10.97 27.77 13.24
C ALA B 235 9.94 28.83 13.64
N ALA B 236 8.88 28.96 12.86
CA ALA B 236 7.81 29.92 13.13
C ALA B 236 7.08 29.64 14.45
N ALA B 237 6.95 28.37 14.82
CA ALA B 237 6.28 28.00 16.07
C ALA B 237 7.18 28.15 17.31
N LEU B 238 8.47 28.46 17.10
CA LEU B 238 9.39 28.78 18.20
C LEU B 238 9.37 30.27 18.48
N GLY C 1 19.54 -30.26 -8.29
CA GLY C 1 20.90 -30.64 -7.86
C GLY C 1 20.95 -31.05 -6.41
N ARG C 2 22.13 -30.94 -5.83
CA ARG C 2 22.31 -31.35 -4.45
C ARG C 2 21.44 -30.47 -3.57
N ILE C 3 20.68 -31.12 -2.70
CA ILE C 3 19.86 -30.44 -1.72
C ILE C 3 20.79 -29.97 -0.61
N VAL C 4 20.81 -28.65 -0.44
CA VAL C 4 21.67 -27.97 0.50
C VAL C 4 21.03 -27.89 1.89
N TRP C 5 19.72 -27.65 1.92
CA TRP C 5 18.97 -27.70 3.17
C TRP C 5 17.59 -28.23 2.84
N ASP C 6 17.08 -29.13 3.67
CA ASP C 6 15.78 -29.76 3.44
C ASP C 6 14.74 -29.34 4.47
N GLY C 7 13.66 -28.72 4.00
CA GLY C 7 12.60 -28.22 4.86
C GLY C 7 11.44 -29.18 4.99
N SER C 8 11.69 -30.44 4.66
CA SER C 8 10.72 -31.52 4.91
C SER C 8 10.22 -31.52 6.36
N PHE C 9 8.95 -31.83 6.55
CA PHE C 9 8.39 -31.94 7.89
C PHE C 9 8.35 -33.37 8.38
N ASN C 10 9.11 -34.26 7.74
CA ASN C 10 9.17 -35.66 8.14
C ASN C 10 9.66 -35.87 9.55
N ASN C 11 10.58 -35.03 10.01
CA ASN C 11 11.05 -35.14 11.40
C ASN C 11 10.22 -34.39 12.43
N TYR C 12 9.19 -33.68 11.98
CA TYR C 12 8.27 -32.98 12.88
C TYR C 12 6.94 -33.68 12.80
N THR C 13 6.67 -34.51 13.80
CA THR C 13 5.47 -35.33 13.82
C THR C 13 4.31 -34.55 14.42
N THR C 14 4.57 -33.84 15.51
CA THR C 14 3.54 -33.06 16.20
C THR C 14 4.09 -31.67 16.46
N PRO C 15 3.19 -30.71 16.74
CA PRO C 15 3.64 -29.32 16.93
C PRO C 15 4.70 -29.13 18.01
N ALA C 16 4.65 -29.97 19.05
CA ALA C 16 5.64 -29.95 20.12
C ALA C 16 7.07 -30.23 19.63
N ASP C 17 7.21 -30.93 18.51
CA ASP C 17 8.53 -31.16 17.94
C ASP C 17 9.25 -29.86 17.49
N PHE C 18 8.49 -28.81 17.20
CA PHE C 18 9.08 -27.49 16.89
C PHE C 18 9.64 -26.81 18.14
N ASP C 19 9.17 -27.26 19.30
CA ASP C 19 9.55 -26.72 20.60
C ASP C 19 10.86 -27.28 21.11
N ARG C 20 11.41 -28.27 20.42
CA ARG C 20 12.71 -28.82 20.84
C ARG C 20 13.84 -27.83 20.52
N TRP C 21 13.66 -27.03 19.48
CA TRP C 21 14.65 -26.01 19.11
C TRP C 21 14.67 -24.82 20.09
N SER C 22 15.85 -24.26 20.30
CA SER C 22 15.99 -23.02 21.04
C SER C 22 17.29 -22.36 20.63
N TRP C 23 17.53 -21.14 21.06
CA TRP C 23 18.76 -20.46 20.70
C TRP C 23 19.98 -21.15 21.31
N ALA C 24 19.76 -21.86 22.42
CA ALA C 24 20.82 -22.60 23.12
C ALA C 24 20.89 -24.08 22.68
N ASN C 25 19.83 -24.56 22.01
CA ASN C 25 19.83 -25.91 21.49
C ASN C 25 19.28 -25.94 20.07
N GLN C 26 20.11 -25.52 19.12
CA GLN C 26 19.66 -25.28 17.75
C GLN C 26 19.63 -26.56 16.92
N VAL C 27 18.72 -27.45 17.29
CA VAL C 27 18.59 -28.76 16.66
C VAL C 27 17.59 -28.72 15.52
N GLY C 28 17.66 -29.74 14.66
CA GLY C 28 16.69 -29.89 13.60
C GLY C 28 16.95 -28.93 12.46
N THR C 29 15.90 -28.66 11.70
CA THR C 29 16.04 -27.98 10.42
C THR C 29 15.24 -26.68 10.39
N TYR C 30 14.58 -26.32 11.49
CA TYR C 30 13.83 -25.08 11.54
C TYR C 30 14.01 -24.36 12.85
N GLN C 31 14.24 -23.05 12.77
CA GLN C 31 14.22 -22.22 13.95
C GLN C 31 12.76 -21.80 14.19
N TRP C 32 12.35 -21.77 15.45
CA TRP C 32 10.97 -21.47 15.82
C TRP C 32 10.94 -20.42 16.93
N TYR C 33 10.86 -19.16 16.53
CA TYR C 33 10.82 -18.04 17.48
C TYR C 33 9.96 -16.85 17.08
N ILE C 34 9.62 -16.71 15.78
CA ILE C 34 8.79 -15.61 15.30
C ILE C 34 7.31 -16.01 15.45
N LYS C 35 6.75 -15.69 16.60
CA LYS C 35 5.47 -16.25 17.01
C LYS C 35 4.85 -15.46 18.17
N GLY C 36 3.58 -15.71 18.41
CA GLY C 36 2.87 -15.15 19.54
C GLY C 36 3.15 -15.92 20.81
N SER C 37 2.45 -15.52 21.87
CA SER C 37 2.62 -16.09 23.21
C SER C 37 1.94 -17.43 23.37
N GLY C 38 0.99 -17.74 22.51
CA GLY C 38 0.22 -18.96 22.62
C GLY C 38 1.08 -20.20 22.47
N PRO C 39 0.51 -21.38 22.84
CA PRO C 39 1.19 -22.65 22.59
C PRO C 39 1.47 -22.83 21.11
N THR C 40 2.49 -23.60 20.79
CA THR C 40 2.91 -23.76 19.40
C THR C 40 1.77 -24.26 18.52
N SER C 41 0.96 -25.15 19.07
CA SER C 41 -0.18 -25.73 18.38
C SER C 41 -1.27 -24.72 18.01
N ARG C 42 -1.26 -23.52 18.58
CA ARG C 42 -2.14 -22.46 18.06
C ARG C 42 -1.74 -22.04 16.65
N TYR C 43 -0.45 -22.18 16.33
CA TYR C 43 0.12 -21.55 15.13
C TYR C 43 0.58 -22.55 14.07
N LEU C 44 1.14 -23.69 14.51
CA LEU C 44 1.67 -24.70 13.61
C LEU C 44 0.99 -26.07 13.85
N ASN C 45 0.45 -26.66 12.81
CA ASN C 45 -0.14 -28.00 12.90
C ASN C 45 0.22 -28.83 11.67
N LEU C 46 0.23 -30.15 11.87
CA LEU C 46 0.80 -31.11 10.92
C LEU C 46 -0.15 -32.27 10.63
N ASP C 47 -0.23 -32.66 9.36
CA ASP C 47 -1.14 -33.70 8.92
C ASP C 47 -0.81 -34.17 7.49
N PRO C 48 -0.97 -35.48 7.22
CA PRO C 48 -0.81 -35.97 5.85
C PRO C 48 -1.57 -35.14 4.82
N SER C 49 -2.74 -34.64 5.20
CA SER C 49 -3.61 -33.93 4.28
C SER C 49 -3.18 -32.49 4.01
N TYR C 50 -2.22 -31.97 4.78
CA TYR C 50 -1.74 -30.58 4.60
C TYR C 50 -0.58 -30.42 3.60
N LYS C 51 -0.15 -31.51 2.95
CA LYS C 51 0.93 -31.46 1.95
C LYS C 51 0.40 -31.59 0.54
N ASN C 52 1.18 -31.12 -0.43
CA ASN C 52 0.89 -31.42 -1.82
C ASN C 52 0.89 -32.96 -2.00
N PRO C 53 -0.27 -33.54 -2.37
CA PRO C 53 -0.36 -35.02 -2.42
C PRO C 53 0.61 -35.66 -3.44
N ALA C 54 1.05 -34.92 -4.44
CA ALA C 54 2.12 -35.38 -5.33
C ALA C 54 3.41 -35.78 -4.59
N ILE C 55 3.67 -35.15 -3.44
CA ILE C 55 4.93 -35.35 -2.74
C ILE C 55 4.80 -36.50 -1.76
N THR C 56 4.97 -37.71 -2.28
CA THR C 56 4.82 -38.92 -1.49
C THR C 56 6.01 -39.12 -0.57
N SER C 57 7.15 -38.53 -0.88
CA SER C 57 8.29 -38.67 0.02
C SER C 57 8.06 -37.91 1.36
N GLU C 58 7.14 -36.97 1.38
CA GLU C 58 6.83 -36.23 2.60
C GLU C 58 5.63 -36.83 3.33
N LEU C 59 5.81 -37.23 4.59
CA LEU C 59 4.74 -37.84 5.38
C LEU C 59 3.61 -36.86 5.68
N ARG C 60 3.93 -35.56 5.78
CA ARG C 60 2.91 -34.57 6.13
C ARG C 60 3.24 -33.15 5.66
N GLY C 61 2.29 -32.24 5.85
CA GLY C 61 2.46 -30.85 5.49
C GLY C 61 2.16 -30.01 6.72
N LEU C 62 2.37 -28.71 6.57
CA LEU C 62 2.32 -27.77 7.68
C LEU C 62 1.17 -26.84 7.46
N LYS C 63 0.30 -26.75 8.45
CA LYS C 63 -0.71 -25.71 8.51
C LYS C 63 -0.17 -24.56 9.36
N VAL C 64 -0.02 -23.41 8.73
CA VAL C 64 0.43 -22.18 9.38
C VAL C 64 -0.79 -21.33 9.74
N THR C 65 -1.01 -21.06 11.02
CA THR C 65 -2.11 -20.17 11.40
C THR C 65 -1.65 -18.86 12.01
N ILE C 66 -2.20 -17.76 11.50
CA ILE C 66 -2.09 -16.48 12.18
C ILE C 66 -3.45 -16.09 12.77
N ASP C 67 -3.41 -15.61 14.00
CA ASP C 67 -4.58 -14.98 14.62
C ASP C 67 -4.13 -13.71 15.37
N THR C 68 -5.03 -13.12 16.16
CA THR C 68 -4.78 -11.78 16.73
C THR C 68 -3.68 -11.85 17.78
N THR C 69 -3.42 -13.06 18.28
CA THR C 69 -2.40 -13.35 19.27
C THR C 69 -1.03 -13.70 18.69
N ALA C 70 -0.89 -13.67 17.35
CA ALA C 70 0.36 -14.05 16.67
C ALA C 70 1.23 -12.82 16.55
N THR C 71 1.60 -12.26 17.70
CA THR C 71 2.33 -11.00 17.78
C THR C 71 3.71 -11.22 18.41
N TRP C 72 4.75 -10.89 17.66
CA TRP C 72 6.10 -11.20 18.10
C TRP C 72 6.82 -9.93 18.46
N ASN C 73 7.07 -9.12 17.44
CA ASN C 73 7.87 -7.92 17.61
C ASN C 73 7.02 -6.69 17.35
N SER C 74 5.71 -6.90 17.24
CA SER C 74 4.77 -5.85 16.90
C SER C 74 3.37 -6.42 16.95
N GLN C 75 2.39 -5.59 16.58
CA GLN C 75 1.01 -6.04 16.45
C GLN C 75 0.74 -6.83 15.18
N MSE C 76 1.65 -6.77 14.23
CA MSE C 76 1.50 -7.53 12.99
C MSE C 76 1.37 -9.00 13.31
O MSE C 76 1.99 -9.52 14.26
CB MSE C 76 2.66 -7.29 12.04
CG MSE C 76 2.73 -5.82 11.63
SE MSE C 76 4.22 -5.59 10.34
CE MSE C 76 4.65 -3.75 10.92
N MSE C 77 0.55 -9.68 12.52
CA MSE C 77 0.28 -11.10 12.73
C MSE C 77 1.34 -11.85 11.98
O MSE C 77 1.39 -11.80 10.75
CB MSE C 77 -1.12 -11.51 12.27
CG MSE C 77 -2.12 -10.44 12.69
SE MSE C 77 -3.99 -11.02 12.55
CE MSE C 77 -3.99 -12.80 11.71
N ARG C 78 2.19 -12.56 12.73
CA ARG C 78 3.30 -13.31 12.22
C ARG C 78 3.37 -14.74 12.78
N THR C 79 3.45 -15.71 11.88
CA THR C 79 3.86 -17.05 12.19
C THR C 79 4.87 -17.51 11.15
N GLU C 80 6.14 -17.59 11.55
CA GLU C 80 7.24 -17.81 10.62
C GLU C 80 8.30 -18.72 11.21
N LEU C 81 8.71 -19.70 10.40
CA LEU C 81 9.88 -20.56 10.65
C LEU C 81 11.04 -20.04 9.81
N ILE C 82 12.26 -20.37 10.24
CA ILE C 82 13.49 -19.94 9.57
C ILE C 82 14.39 -21.16 9.46
N PRO C 83 15.02 -21.39 8.29
CA PRO C 83 15.89 -22.57 8.20
C PRO C 83 16.92 -22.62 9.30
N GLN C 84 17.13 -23.81 9.87
CA GLN C 84 18.24 -24.08 10.79
C GLN C 84 19.29 -24.91 10.09
N THR C 85 20.47 -24.34 9.86
CA THR C 85 21.52 -24.98 9.07
C THR C 85 22.87 -24.28 9.26
N ASN C 86 23.96 -25.03 9.04
CA ASN C 86 25.34 -24.49 8.90
C ASN C 86 25.70 -24.25 7.47
N ALA C 87 24.85 -24.66 6.55
CA ALA C 87 25.16 -24.54 5.13
C ALA C 87 25.11 -23.08 4.70
N ASN C 88 25.73 -22.80 3.58
CA ASN C 88 25.75 -21.45 3.04
C ASN C 88 24.58 -21.26 2.05
N LEU C 89 23.53 -20.54 2.44
CA LEU C 89 22.35 -20.42 1.58
C LEU C 89 22.32 -19.17 0.73
N GLY C 90 23.46 -18.50 0.65
CA GLY C 90 23.56 -17.24 -0.07
C GLY C 90 24.71 -17.21 -1.03
N GLN C 91 25.13 -18.36 -1.55
CA GLN C 91 26.23 -18.43 -2.53
C GLN C 91 25.81 -19.13 -3.82
N GLY C 92 26.37 -18.66 -4.93
CA GLY C 92 26.14 -19.28 -6.24
C GLY C 92 24.69 -19.17 -6.67
N ASN C 93 24.23 -20.17 -7.39
CA ASN C 93 22.88 -20.24 -7.90
C ASN C 93 22.15 -21.32 -7.11
N LEU C 94 21.22 -20.88 -6.28
CA LEU C 94 20.43 -21.79 -5.45
C LEU C 94 18.96 -21.66 -5.76
N PHE C 95 18.24 -22.77 -5.60
CA PHE C 95 16.82 -22.77 -5.85
C PHE C 95 16.08 -23.00 -4.54
N TYR C 96 15.16 -22.09 -4.22
CA TYR C 96 14.37 -22.12 -3.00
C TYR C 96 12.98 -22.58 -3.37
N HIS C 97 12.70 -23.83 -3.05
CA HIS C 97 11.45 -24.48 -3.37
C HIS C 97 10.48 -24.44 -2.20
N PHE C 98 9.22 -24.19 -2.51
CA PHE C 98 8.12 -24.40 -1.60
C PHE C 98 6.82 -24.55 -2.38
N SER C 99 5.83 -25.18 -1.76
CA SER C 99 4.49 -25.28 -2.32
C SER C 99 3.52 -24.78 -1.28
N ILE C 100 2.51 -24.04 -1.72
CA ILE C 100 1.52 -23.48 -0.79
C ILE C 100 0.08 -23.60 -1.30
N LYS C 101 -0.85 -23.72 -0.37
CA LYS C 101 -2.27 -23.59 -0.70
C LYS C 101 -3.08 -22.97 0.43
N ARG C 102 -4.30 -22.58 0.09
CA ARG C 102 -5.34 -22.24 1.05
C ARG C 102 -6.55 -23.12 0.80
N THR C 103 -7.50 -23.08 1.73
CA THR C 103 -8.81 -23.70 1.49
C THR C 103 -9.86 -22.59 1.60
N ASN C 104 -11.13 -22.98 1.66
CA ASN C 104 -12.20 -22.01 1.91
C ASN C 104 -12.48 -21.82 3.40
N THR C 105 -11.72 -22.50 4.25
CA THR C 105 -11.81 -22.32 5.69
C THR C 105 -10.67 -21.45 6.19
N ASN C 106 -11.01 -20.40 6.94
CA ASN C 106 -10.03 -19.41 7.40
C ASN C 106 -9.15 -18.97 6.25
N ALA C 107 -9.80 -18.66 5.13
CA ALA C 107 -9.13 -18.16 3.94
C ALA C 107 -8.47 -16.84 4.25
N PRO C 108 -7.24 -16.65 3.76
CA PRO C 108 -6.57 -15.35 3.91
C PRO C 108 -7.39 -14.21 3.36
N ASP C 109 -7.36 -13.07 4.05
CA ASP C 109 -8.18 -11.92 3.67
C ASP C 109 -7.56 -11.19 2.49
N PRO C 110 -8.23 -11.26 1.33
CA PRO C 110 -7.68 -10.64 0.14
C PRO C 110 -7.78 -9.11 0.10
N THR C 111 -8.18 -8.47 1.20
CA THR C 111 -8.19 -7.01 1.26
C THR C 111 -7.07 -6.53 2.17
N LEU C 112 -6.27 -7.45 2.72
CA LEU C 112 -5.18 -7.09 3.61
C LEU C 112 -3.86 -7.58 3.06
N GLU C 113 -2.83 -6.75 3.17
CA GLU C 113 -1.53 -7.11 2.69
C GLU C 113 -0.94 -8.25 3.52
N HIS C 114 -0.39 -9.24 2.82
CA HIS C 114 0.42 -10.26 3.45
C HIS C 114 1.79 -10.33 2.76
N GLN C 115 2.79 -10.80 3.52
CA GLN C 115 4.09 -11.13 2.95
C GLN C 115 4.40 -12.57 3.33
N VAL C 116 4.81 -13.34 2.33
CA VAL C 116 4.89 -14.77 2.44
C VAL C 116 6.16 -15.30 1.78
N MSE C 117 6.83 -16.22 2.46
CA MSE C 117 8.05 -16.86 1.94
C MSE C 117 9.03 -15.80 1.53
O MSE C 117 9.52 -15.79 0.39
CB MSE C 117 7.73 -17.76 0.76
CG MSE C 117 6.60 -18.75 1.06
SE MSE C 117 7.02 -20.03 2.51
CE MSE C 117 8.90 -20.44 2.18
N PHE C 118 9.32 -14.90 2.44
CA PHE C 118 10.11 -13.69 2.16
C PHE C 118 11.45 -13.70 2.82
N PHE C 119 12.42 -13.06 2.17
CA PHE C 119 13.68 -12.78 2.80
C PHE C 119 13.54 -11.55 3.68
N GLU C 120 14.32 -11.49 4.75
CA GLU C 120 14.27 -10.36 5.66
C GLU C 120 14.35 -9.03 4.92
N SER C 121 15.18 -8.96 3.89
CA SER C 121 15.34 -7.75 3.10
C SER C 121 14.24 -7.60 2.03
N HIS C 122 13.36 -8.59 1.90
CA HIS C 122 12.33 -8.57 0.88
C HIS C 122 12.84 -8.41 -0.58
N PHE C 123 14.08 -8.80 -0.87
CA PHE C 123 14.58 -8.69 -2.26
C PHE C 123 13.76 -9.60 -3.17
N THR C 124 13.17 -10.64 -2.59
CA THR C 124 12.17 -11.41 -3.27
C THR C 124 11.19 -11.98 -2.25
N GLU C 125 9.95 -12.17 -2.69
CA GLU C 125 8.90 -12.67 -1.79
C GLU C 125 7.62 -12.88 -2.54
N LEU C 126 6.67 -13.51 -1.88
CA LEU C 126 5.29 -13.52 -2.34
C LEU C 126 4.46 -12.56 -1.52
N LYS C 127 3.42 -12.00 -2.15
CA LYS C 127 2.37 -11.29 -1.40
C LYS C 127 0.96 -11.70 -1.81
N TYR C 128 0.02 -11.29 -0.96
CA TYR C 128 -1.40 -11.50 -1.20
C TYR C 128 -2.16 -10.33 -0.63
N GLY C 129 -3.30 -10.04 -1.23
CA GLY C 129 -4.19 -8.99 -0.74
C GLY C 129 -3.74 -7.59 -1.07
N VAL C 130 -2.86 -7.47 -2.06
CA VAL C 130 -2.33 -6.17 -2.41
C VAL C 130 -2.21 -6.04 -3.94
N GLY C 131 -1.97 -4.81 -4.41
CA GLY C 131 -1.74 -4.53 -5.82
C GLY C 131 -2.98 -4.54 -6.72
N SER C 132 -2.73 -4.63 -8.02
CA SER C 132 -3.77 -4.59 -9.03
C SER C 132 -4.67 -5.82 -8.95
N ASN C 133 -4.14 -6.92 -8.42
CA ASN C 133 -4.92 -8.16 -8.28
C ASN C 133 -4.80 -8.72 -6.85
N PRO C 134 -5.62 -8.18 -5.91
CA PRO C 134 -5.44 -8.55 -4.50
C PRO C 134 -5.84 -9.99 -4.20
N SER C 135 -6.71 -10.58 -5.02
CA SER C 135 -7.07 -11.99 -4.87
C SER C 135 -6.09 -12.94 -5.56
N ASN C 136 -5.00 -12.36 -6.09
CA ASN C 136 -3.92 -13.15 -6.71
C ASN C 136 -2.74 -13.26 -5.78
N LEU C 137 -2.05 -14.39 -5.92
CA LEU C 137 -0.78 -14.60 -5.29
C LEU C 137 0.24 -13.89 -6.16
N GLY C 138 0.92 -12.89 -5.61
CA GLY C 138 1.86 -12.07 -6.39
C GLY C 138 3.33 -12.29 -6.02
N TRP C 139 4.18 -12.45 -7.04
CA TRP C 139 5.59 -12.67 -6.80
C TRP C 139 6.37 -11.40 -7.11
N TYR C 140 7.27 -11.03 -6.20
CA TYR C 140 7.99 -9.76 -6.23
C TYR C 140 9.48 -10.01 -6.27
N ALA C 141 10.17 -9.20 -7.07
CA ALA C 141 11.61 -9.11 -7.06
C ALA C 141 11.98 -7.62 -7.05
N GLY C 142 12.89 -7.27 -6.15
CA GLY C 142 13.38 -5.91 -6.07
C GLY C 142 12.31 -4.88 -5.80
N GLY C 143 11.28 -5.27 -5.05
CA GLY C 143 10.20 -4.38 -4.67
C GLY C 143 8.98 -4.32 -5.59
N THR C 144 9.06 -4.88 -6.80
CA THR C 144 7.93 -4.80 -7.73
C THR C 144 7.39 -6.16 -8.16
N GLU C 145 6.06 -6.26 -8.25
CA GLU C 145 5.37 -7.48 -8.66
C GLU C 145 5.74 -7.81 -10.11
N ARG C 146 6.29 -9.01 -10.33
CA ARG C 146 6.66 -9.46 -11.68
C ARG C 146 5.70 -10.50 -12.24
N TRP C 147 4.88 -11.11 -11.40
CA TRP C 147 4.04 -12.21 -11.83
C TRP C 147 2.92 -12.37 -10.80
N SER C 148 1.76 -12.87 -11.20
CA SER C 148 0.73 -13.20 -10.23
C SER C 148 -0.22 -14.21 -10.83
N THR C 149 -1.02 -14.84 -9.99
CA THR C 149 -2.01 -15.81 -10.43
C THR C 149 -3.14 -15.88 -9.36
N PRO C 150 -4.40 -16.04 -9.78
CA PRO C 150 -5.49 -16.18 -8.78
C PRO C 150 -5.24 -17.26 -7.73
N PHE C 151 -5.51 -16.93 -6.48
CA PHE C 151 -5.19 -17.83 -5.40
C PHE C 151 -6.39 -18.74 -5.15
N THR C 152 -6.55 -19.72 -6.05
CA THR C 152 -7.69 -20.64 -6.06
C THR C 152 -7.63 -21.57 -4.86
N ALA C 153 -8.74 -21.65 -4.13
CA ALA C 153 -8.87 -22.60 -3.04
C ALA C 153 -8.46 -24.03 -3.46
N ASP C 154 -7.80 -24.75 -2.54
CA ASP C 154 -7.51 -26.19 -2.66
C ASP C 154 -6.52 -26.60 -3.75
N THR C 155 -5.98 -25.62 -4.47
CA THR C 155 -4.98 -25.85 -5.48
C THR C 155 -3.61 -25.70 -4.84
N TRP C 156 -2.72 -26.67 -5.02
CA TRP C 156 -1.35 -26.49 -4.57
C TRP C 156 -0.60 -25.65 -5.60
N PHE C 157 0.05 -24.59 -5.13
CA PHE C 157 0.88 -23.71 -5.97
C PHE C 157 2.35 -23.94 -5.63
N ASN C 158 3.09 -24.50 -6.57
CA ASN C 158 4.50 -24.85 -6.42
C ASN C 158 5.35 -23.71 -6.93
N PHE C 159 6.43 -23.42 -6.24
CA PHE C 159 7.34 -22.35 -6.63
C PHE C 159 8.78 -22.79 -6.44
N ALA C 160 9.69 -22.15 -7.17
CA ALA C 160 11.06 -22.07 -6.76
C ALA C 160 11.63 -20.71 -7.15
N TYR C 161 12.28 -20.06 -6.22
CA TYR C 161 13.02 -18.86 -6.50
C TYR C 161 14.37 -19.31 -7.12
N ASP C 162 14.66 -18.83 -8.32
CA ASP C 162 15.88 -19.15 -9.05
C ASP C 162 16.83 -18.01 -8.71
N ILE C 163 17.65 -18.19 -7.71
CA ILE C 163 18.44 -17.05 -7.23
C ILE C 163 19.89 -17.22 -7.58
N ASP C 164 20.48 -16.18 -8.15
CA ASP C 164 21.91 -16.19 -8.47
C ASP C 164 22.58 -15.11 -7.65
N PHE C 165 23.26 -15.52 -6.57
CA PHE C 165 23.84 -14.59 -5.61
C PHE C 165 25.13 -13.99 -6.18
N THR C 166 25.73 -14.63 -7.18
CA THR C 166 26.90 -14.07 -7.86
C THR C 166 26.45 -13.05 -8.91
N ALA C 167 25.53 -13.39 -9.79
CA ALA C 167 25.03 -12.44 -10.77
C ALA C 167 24.08 -11.41 -10.16
N LYS C 168 23.61 -11.67 -8.93
CA LYS C 168 22.63 -10.85 -8.23
C LYS C 168 21.37 -10.65 -9.06
N THR C 169 20.76 -11.79 -9.39
CA THR C 169 19.49 -11.82 -10.10
C THR C 169 18.58 -12.87 -9.46
N VAL C 170 17.29 -12.76 -9.74
CA VAL C 170 16.35 -13.76 -9.25
C VAL C 170 15.23 -13.94 -10.25
N GLY C 171 14.88 -15.20 -10.53
CA GLY C 171 13.77 -15.51 -11.41
C GLY C 171 12.77 -16.40 -10.68
N LEU C 172 11.73 -16.83 -11.38
CA LEU C 172 10.70 -17.66 -10.77
C LEU C 172 10.34 -18.81 -11.66
N TRP C 173 10.19 -19.97 -11.03
CA TRP C 173 9.60 -21.12 -11.64
C TRP C 173 8.33 -21.41 -10.89
N ALA C 174 7.36 -22.06 -11.53
CA ALA C 174 6.07 -22.29 -10.91
C ALA C 174 5.30 -23.40 -11.61
N SER C 175 4.38 -24.00 -10.88
CA SER C 175 3.38 -24.86 -11.48
C SER C 175 2.30 -25.11 -10.43
N THR C 176 1.29 -25.88 -10.77
CA THR C 176 0.27 -26.24 -9.81
C THR C 176 0.23 -27.76 -9.63
N ASN C 177 -0.23 -28.17 -8.45
CA ASN C 177 -0.49 -29.56 -8.15
C ASN C 177 0.71 -30.46 -8.48
N GLY C 178 0.58 -31.40 -9.42
CA GLY C 178 1.66 -32.36 -9.73
C GLY C 178 2.49 -32.05 -10.96
N ASN C 179 2.20 -30.91 -11.60
CA ASN C 179 2.83 -30.55 -12.86
C ASN C 179 4.23 -30.05 -12.58
N PRO C 180 5.17 -30.27 -13.51
CA PRO C 180 6.54 -29.84 -13.28
C PRO C 180 6.69 -28.33 -13.29
N LEU C 181 7.69 -27.84 -12.58
CA LEU C 181 7.97 -26.42 -12.55
C LEU C 181 8.37 -26.02 -13.93
N VAL C 182 7.85 -24.87 -14.35
CA VAL C 182 8.28 -24.22 -15.57
C VAL C 182 8.70 -22.83 -15.15
N LYS C 183 9.68 -22.26 -15.83
CA LYS C 183 10.10 -20.91 -15.56
C LYS C 183 9.03 -19.96 -16.06
N VAL C 184 8.49 -19.14 -15.16
CA VAL C 184 7.47 -18.16 -15.53
C VAL C 184 7.97 -16.72 -15.49
N VAL C 185 9.10 -16.46 -14.84
CA VAL C 185 9.73 -15.14 -14.91
C VAL C 185 11.22 -15.33 -15.08
N GLN C 186 11.77 -14.82 -16.18
CA GLN C 186 13.23 -14.81 -16.37
C GLN C 186 13.93 -13.92 -15.34
N ASN C 187 15.10 -14.36 -14.90
CA ASN C 187 15.87 -13.69 -13.85
C ASN C 187 15.95 -12.21 -14.13
N VAL C 188 15.73 -11.42 -13.10
CA VAL C 188 15.84 -9.98 -13.15
C VAL C 188 16.83 -9.53 -12.09
N PRO C 189 17.45 -8.36 -12.25
CA PRO C 189 18.41 -7.92 -11.24
C PRO C 189 17.74 -7.58 -9.90
N ALA C 190 18.34 -8.02 -8.80
CA ALA C 190 17.85 -7.65 -7.48
C ALA C 190 19.02 -7.60 -6.54
N ASN C 191 18.86 -6.93 -5.42
CA ASN C 191 19.88 -6.97 -4.37
C ASN C 191 19.79 -8.28 -3.59
N THR C 192 20.40 -9.33 -4.13
CA THR C 192 20.30 -10.66 -3.54
C THR C 192 21.22 -10.75 -2.33
N PHE C 193 20.62 -10.91 -1.16
CA PHE C 193 21.39 -11.05 0.08
C PHE C 193 20.64 -11.87 1.12
N THR C 194 21.36 -12.79 1.76
CA THR C 194 20.82 -13.57 2.87
C THR C 194 21.97 -13.96 3.78
N ASP C 195 21.72 -13.99 5.10
CA ASP C 195 22.71 -14.49 6.07
C ASP C 195 22.48 -15.96 6.44
N SER C 196 21.65 -16.65 5.64
CA SER C 196 21.29 -18.05 5.86
C SER C 196 20.41 -18.30 7.09
N ARG C 197 19.99 -17.21 7.73
CA ARG C 197 19.17 -17.25 8.92
C ARG C 197 18.11 -16.16 8.80
N ASP C 198 17.62 -15.89 7.57
CA ASP C 198 16.68 -14.80 7.30
C ASP C 198 15.65 -15.06 6.19
N PHE C 199 15.42 -16.33 5.88
CA PHE C 199 14.33 -16.75 5.00
C PHE C 199 13.14 -17.21 5.84
N HIS C 200 12.02 -16.52 5.66
CA HIS C 200 10.83 -16.71 6.48
C HIS C 200 9.82 -17.63 5.83
N VAL C 201 9.85 -18.87 6.30
CA VAL C 201 8.93 -19.90 5.88
C VAL C 201 7.67 -19.71 6.70
N GLY C 202 6.78 -18.89 6.18
CA GLY C 202 5.60 -18.52 6.91
C GLY C 202 4.92 -17.31 6.34
N VAL C 203 4.07 -16.70 7.17
CA VAL C 203 3.21 -15.61 6.77
C VAL C 203 3.34 -14.46 7.75
N LEU C 204 3.38 -13.26 7.18
CA LEU C 204 3.22 -12.03 7.92
C LEU C 204 2.01 -11.31 7.34
N ARG C 205 1.16 -10.76 8.21
CA ARG C 205 0.08 -9.87 7.80
C ARG C 205 0.11 -8.62 8.66
N ILE C 206 0.06 -7.47 8.02
CA ILE C 206 0.32 -6.22 8.70
C ILE C 206 -0.81 -5.87 9.68
N VAL C 207 -2.05 -5.94 9.22
CA VAL C 207 -3.20 -5.52 10.00
C VAL C 207 -3.67 -6.64 10.92
N ASN C 208 -3.83 -6.32 12.18
CA ASN C 208 -4.23 -7.29 13.15
C ASN C 208 -5.74 -7.26 13.47
N ARG C 209 -6.45 -8.32 13.08
CA ARG C 209 -7.86 -8.47 13.41
C ARG C 209 -8.32 -9.86 13.08
N ASN C 210 -9.48 -10.20 13.60
CA ASN C 210 -10.13 -11.47 13.34
C ASN C 210 -10.86 -11.47 12.00
N PRO C 211 -11.13 -12.66 11.44
CA PRO C 211 -10.85 -14.00 11.94
C PRO C 211 -9.44 -14.48 11.62
N PRO C 212 -9.04 -15.63 12.19
CA PRO C 212 -7.74 -16.22 11.87
C PRO C 212 -7.60 -16.62 10.39
N GLU C 213 -6.36 -16.82 9.94
CA GLU C 213 -6.08 -17.35 8.60
C GLU C 213 -5.33 -18.66 8.70
N ASP C 214 -5.66 -19.62 7.81
CA ASP C 214 -4.83 -20.83 7.65
C ASP C 214 -4.15 -20.81 6.28
N TRP C 215 -2.85 -21.13 6.28
CA TRP C 215 -2.05 -21.32 5.09
C TRP C 215 -1.43 -22.70 5.20
N TYR C 216 -1.25 -23.34 4.07
CA TYR C 216 -0.71 -24.70 4.02
C TYR C 216 0.62 -24.69 3.23
N VAL C 217 1.61 -25.40 3.73
CA VAL C 217 2.98 -25.38 3.19
C VAL C 217 3.59 -26.79 3.18
N SER C 218 4.18 -27.17 2.04
CA SER C 218 4.91 -28.42 1.90
C SER C 218 5.95 -28.29 0.80
N GLY C 219 6.75 -29.33 0.63
CA GLY C 219 7.79 -29.35 -0.41
C GLY C 219 8.81 -28.24 -0.34
N VAL C 220 9.22 -27.90 0.88
CA VAL C 220 10.14 -26.79 1.11
C VAL C 220 11.56 -27.33 1.15
N TYR C 221 12.41 -26.83 0.26
CA TYR C 221 13.83 -27.18 0.28
C TYR C 221 14.66 -26.19 -0.55
N ILE C 222 15.97 -26.25 -0.35
CA ILE C 222 16.91 -25.41 -1.10
C ILE C 222 17.94 -26.32 -1.74
N GLU C 223 18.14 -26.12 -3.04
CA GLU C 223 19.06 -26.98 -3.80
C GLU C 223 19.93 -26.19 -4.71
N GLU C 224 21.08 -26.75 -5.04
CA GLU C 224 21.93 -26.26 -6.11
C GLU C 224 21.28 -26.56 -7.46
N GLY C 225 21.79 -25.93 -8.51
CA GLY C 225 21.42 -26.28 -9.88
C GLY C 225 21.97 -27.63 -10.32
N PRO C 226 21.39 -28.25 -11.36
CA PRO C 226 20.25 -27.79 -12.15
C PRO C 226 18.95 -28.04 -11.39
N ILE C 227 17.95 -27.21 -11.66
CA ILE C 227 16.75 -27.24 -10.87
C ILE C 227 16.03 -28.56 -11.08
N THR C 228 15.44 -29.06 -10.01
CA THR C 228 14.51 -30.18 -10.04
C THR C 228 13.14 -29.59 -10.41
N THR C 229 12.68 -29.82 -11.63
CA THR C 229 11.37 -29.35 -12.01
C THR C 229 10.27 -30.30 -11.49
N GLN C 230 10.62 -31.57 -11.33
CA GLN C 230 9.65 -32.61 -11.00
C GLN C 230 9.08 -32.26 -9.64
N ILE C 231 7.75 -32.32 -9.50
CA ILE C 231 7.14 -32.13 -8.21
C ILE C 231 6.86 -33.48 -7.60
N GLY C 232 7.41 -33.72 -6.42
CA GLY C 232 7.18 -34.97 -5.74
C GLY C 232 7.55 -36.17 -6.58
N ASP C 233 6.67 -37.16 -6.66
CA ASP C 233 7.03 -38.43 -7.29
C ASP C 233 6.88 -38.37 -8.81
N GLY C 234 6.34 -37.27 -9.33
CA GLY C 234 6.22 -37.08 -10.77
C GLY C 234 5.07 -37.85 -11.42
N ALA C 235 4.39 -38.70 -10.65
CA ALA C 235 3.41 -39.60 -11.23
C ALA C 235 2.34 -38.84 -12.02
N ALA C 236 1.84 -37.74 -11.46
CA ALA C 236 0.76 -36.98 -12.10
C ALA C 236 1.20 -36.27 -13.38
N GLY D 1 -40.37 1.21 -32.63
CA GLY D 1 -41.05 2.53 -32.48
C GLY D 1 -40.09 3.66 -32.79
N ARG D 2 -40.47 4.87 -32.38
CA ARG D 2 -39.69 6.08 -32.70
C ARG D 2 -38.23 5.95 -32.26
N ILE D 3 -37.32 6.34 -33.15
CA ILE D 3 -35.91 6.33 -32.82
C ILE D 3 -35.64 7.53 -31.95
N VAL D 4 -35.08 7.26 -30.76
CA VAL D 4 -34.78 8.30 -29.80
C VAL D 4 -33.39 8.90 -30.06
N TRP D 5 -32.45 8.03 -30.42
CA TRP D 5 -31.07 8.40 -30.75
C TRP D 5 -30.58 7.37 -31.77
N ASP D 6 -30.00 7.92 -32.84
CA ASP D 6 -29.57 7.16 -33.97
C ASP D 6 -28.03 7.20 -34.02
N GLY D 7 -27.42 6.05 -33.74
CA GLY D 7 -25.98 5.85 -33.78
C GLY D 7 -25.46 5.37 -35.12
N SER D 8 -26.15 5.73 -36.21
CA SER D 8 -25.70 5.47 -37.57
C SER D 8 -24.30 6.01 -37.76
N PHE D 9 -23.48 5.26 -38.47
CA PHE D 9 -22.16 5.74 -38.85
C PHE D 9 -22.16 6.33 -40.26
N ASN D 10 -23.34 6.63 -40.81
CA ASN D 10 -23.40 7.20 -42.18
C ASN D 10 -22.67 8.53 -42.32
N ASN D 11 -22.60 9.33 -41.26
CA ASN D 11 -21.91 10.62 -41.33
C ASN D 11 -20.50 10.57 -40.84
N TYR D 12 -20.06 9.38 -40.43
CA TYR D 12 -18.70 9.17 -39.97
C TYR D 12 -17.96 8.41 -41.07
N THR D 13 -17.17 9.18 -41.82
CA THR D 13 -16.56 8.68 -43.07
C THR D 13 -15.10 8.33 -42.87
N THR D 14 -14.40 9.04 -41.97
CA THR D 14 -13.02 8.75 -41.64
C THR D 14 -12.84 8.90 -40.13
N PRO D 15 -11.77 8.32 -39.58
CA PRO D 15 -11.52 8.44 -38.13
C PRO D 15 -11.57 9.88 -37.59
N ALA D 16 -11.07 10.84 -38.39
CA ALA D 16 -11.04 12.22 -37.98
C ALA D 16 -12.44 12.83 -37.80
N ASP D 17 -13.44 12.28 -38.45
CA ASP D 17 -14.80 12.74 -38.17
C ASP D 17 -15.17 12.60 -36.68
N PHE D 18 -14.60 11.61 -35.99
CA PHE D 18 -14.87 11.46 -34.56
C PHE D 18 -14.21 12.59 -33.73
N ASP D 19 -13.14 13.17 -34.26
CA ASP D 19 -12.41 14.23 -33.57
C ASP D 19 -13.07 15.60 -33.62
N ARG D 20 -14.14 15.78 -34.38
CA ARG D 20 -14.82 17.08 -34.35
C ARG D 20 -15.47 17.34 -32.99
N TRP D 21 -15.95 16.28 -32.34
CA TRP D 21 -16.57 16.40 -31.02
C TRP D 21 -15.55 16.82 -29.96
N SER D 22 -15.98 17.70 -29.06
CA SER D 22 -15.20 18.06 -27.86
C SER D 22 -16.17 18.49 -26.79
N TRP D 23 -15.69 18.62 -25.55
CA TRP D 23 -16.55 19.03 -24.44
C TRP D 23 -17.15 20.40 -24.68
N ALA D 24 -16.37 21.29 -25.29
CA ALA D 24 -16.84 22.62 -25.62
C ALA D 24 -17.64 22.67 -26.93
N ASN D 25 -17.60 21.60 -27.73
CA ASN D 25 -18.28 21.54 -29.03
C ASN D 25 -18.86 20.14 -29.23
N GLN D 26 -20.02 19.91 -28.63
CA GLN D 26 -20.57 18.56 -28.50
C GLN D 26 -21.44 18.17 -29.71
N VAL D 27 -20.78 18.07 -30.86
CA VAL D 27 -21.44 17.85 -32.15
C VAL D 27 -21.59 16.38 -32.51
N GLY D 28 -22.48 16.14 -33.46
CA GLY D 28 -22.69 14.79 -33.93
C GLY D 28 -23.37 13.95 -32.88
N THR D 29 -23.26 12.64 -33.02
CA THR D 29 -24.05 11.72 -32.22
C THR D 29 -23.24 10.89 -31.22
N TYR D 30 -21.93 11.09 -31.18
CA TYR D 30 -21.04 10.28 -30.34
C TYR D 30 -20.01 11.12 -29.63
N GLN D 31 -19.91 10.89 -28.32
CA GLN D 31 -18.85 11.46 -27.50
C GLN D 31 -17.59 10.61 -27.67
N TRP D 32 -16.46 11.25 -27.87
CA TRP D 32 -15.22 10.53 -28.12
C TRP D 32 -14.15 11.12 -27.20
N TYR D 33 -14.01 10.53 -26.02
CA TYR D 33 -12.95 10.91 -25.05
C TYR D 33 -12.36 9.72 -24.26
N ILE D 34 -13.00 8.55 -24.26
CA ILE D 34 -12.46 7.40 -23.53
C ILE D 34 -11.53 6.68 -24.50
N LYS D 35 -10.28 7.10 -24.46
CA LYS D 35 -9.30 6.71 -25.48
C LYS D 35 -7.88 6.95 -25.03
N GLY D 36 -6.93 6.28 -25.68
CA GLY D 36 -5.50 6.51 -25.43
C GLY D 36 -4.99 7.78 -26.10
N SER D 37 -3.67 7.94 -26.06
CA SER D 37 -2.97 9.08 -26.66
C SER D 37 -2.82 9.05 -28.17
N GLY D 38 -2.98 7.88 -28.78
CA GLY D 38 -2.72 7.73 -30.20
C GLY D 38 -3.67 8.55 -31.05
N PRO D 39 -3.42 8.59 -32.36
CA PRO D 39 -4.39 9.19 -33.27
C PRO D 39 -5.63 8.31 -33.25
N THR D 40 -6.77 8.91 -33.55
CA THR D 40 -8.04 8.22 -33.47
C THR D 40 -8.06 6.99 -34.42
N SER D 41 -7.36 7.10 -35.54
CA SER D 41 -7.24 5.98 -36.48
C SER D 41 -6.49 4.77 -35.92
N ARG D 42 -5.88 4.88 -34.74
CA ARG D 42 -5.34 3.71 -34.07
C ARG D 42 -6.46 2.87 -33.42
N TYR D 43 -7.59 3.50 -33.10
CA TYR D 43 -8.62 2.86 -32.30
C TYR D 43 -9.98 2.77 -32.99
N LEU D 44 -10.26 3.70 -33.92
CA LEU D 44 -11.55 3.74 -34.58
C LEU D 44 -11.36 3.87 -36.08
N ASN D 45 -11.89 2.89 -36.80
CA ASN D 45 -11.85 2.85 -38.24
C ASN D 45 -13.21 2.49 -38.83
N LEU D 46 -13.49 3.04 -40.01
CA LEU D 46 -14.77 2.89 -40.69
C LEU D 46 -14.62 2.31 -42.09
N ASP D 47 -15.52 1.42 -42.47
CA ASP D 47 -15.40 0.70 -43.75
C ASP D 47 -16.70 -0.05 -44.07
N PRO D 48 -17.05 -0.12 -45.37
CA PRO D 48 -18.24 -0.86 -45.70
C PRO D 48 -18.18 -2.32 -45.27
N SER D 49 -16.97 -2.90 -45.19
CA SER D 49 -16.82 -4.29 -44.80
C SER D 49 -17.00 -4.52 -43.31
N TYR D 50 -17.15 -3.44 -42.55
CA TYR D 50 -17.19 -3.54 -41.09
C TYR D 50 -18.62 -3.63 -40.51
N LYS D 51 -19.63 -3.70 -41.39
CA LYS D 51 -21.02 -3.74 -40.94
C LYS D 51 -21.64 -5.09 -41.21
N ASN D 52 -22.77 -5.32 -40.56
CA ASN D 52 -23.61 -6.46 -40.86
C ASN D 52 -24.21 -6.17 -42.23
N PRO D 53 -23.83 -6.96 -43.27
CA PRO D 53 -24.36 -6.68 -44.62
C PRO D 53 -25.89 -6.62 -44.69
N ALA D 54 -26.58 -7.34 -43.81
CA ALA D 54 -28.04 -7.31 -43.77
C ALA D 54 -28.63 -5.96 -43.35
N ILE D 55 -27.80 -5.06 -42.81
CA ILE D 55 -28.28 -3.77 -42.32
C ILE D 55 -28.18 -2.80 -43.49
N THR D 56 -29.20 -2.85 -44.32
CA THR D 56 -29.19 -2.17 -45.61
C THR D 56 -29.19 -0.66 -45.46
N SER D 57 -29.74 -0.14 -44.37
CA SER D 57 -29.84 1.32 -44.19
C SER D 57 -28.51 1.99 -43.81
N GLU D 58 -27.46 1.20 -43.56
CA GLU D 58 -26.15 1.72 -43.16
C GLU D 58 -25.07 1.62 -44.25
N LEU D 59 -24.27 2.68 -44.42
CA LEU D 59 -23.26 2.67 -45.45
C LEU D 59 -22.09 1.83 -44.98
N ARG D 60 -21.79 1.87 -43.68
CA ARG D 60 -20.59 1.22 -43.14
C ARG D 60 -20.73 0.79 -41.70
N GLY D 61 -19.69 0.13 -41.19
CA GLY D 61 -19.58 -0.20 -39.78
C GLY D 61 -18.30 0.30 -39.15
N LEU D 62 -18.18 0.06 -37.84
CA LEU D 62 -17.07 0.55 -37.07
C LEU D 62 -16.19 -0.60 -36.59
N LYS D 63 -14.90 -0.51 -36.88
CA LYS D 63 -13.90 -1.38 -36.25
C LYS D 63 -13.36 -0.69 -35.02
N VAL D 64 -13.57 -1.32 -33.86
CA VAL D 64 -13.07 -0.81 -32.59
C VAL D 64 -11.81 -1.59 -32.23
N THR D 65 -10.68 -0.89 -32.16
CA THR D 65 -9.41 -1.53 -31.86
C THR D 65 -8.94 -1.04 -30.51
N ILE D 66 -8.54 -1.98 -29.64
CA ILE D 66 -7.75 -1.64 -28.45
C ILE D 66 -6.34 -2.19 -28.56
N ASP D 67 -5.36 -1.40 -28.18
CA ASP D 67 -4.01 -1.91 -28.06
C ASP D 67 -3.38 -1.42 -26.75
N THR D 68 -2.09 -1.69 -26.55
CA THR D 68 -1.45 -1.37 -25.29
C THR D 68 -1.43 0.14 -25.03
N THR D 69 -1.63 0.96 -26.07
CA THR D 69 -1.71 2.41 -25.86
C THR D 69 -3.11 2.95 -25.59
N ALA D 70 -4.13 2.09 -25.60
CA ALA D 70 -5.52 2.51 -25.38
C ALA D 70 -5.80 2.65 -23.88
N THR D 71 -5.11 3.59 -23.27
CA THR D 71 -5.14 3.76 -21.84
C THR D 71 -5.64 5.16 -21.57
N TRP D 72 -6.79 5.25 -20.91
CA TRP D 72 -7.44 6.52 -20.61
C TRP D 72 -7.27 6.91 -19.13
N ASN D 73 -8.02 6.27 -18.26
CA ASN D 73 -8.00 6.59 -16.84
C ASN D 73 -7.25 5.53 -16.04
N SER D 74 -6.63 4.59 -16.73
CA SER D 74 -5.91 3.48 -16.12
C SER D 74 -5.09 2.75 -17.17
N GLN D 75 -4.32 1.75 -16.74
CA GLN D 75 -3.65 0.81 -17.66
C GLN D 75 -4.58 -0.12 -18.45
N MSE D 76 -5.85 -0.20 -18.06
CA MSE D 76 -6.80 -1.05 -18.78
C MSE D 76 -6.98 -0.56 -20.21
O MSE D 76 -6.82 0.63 -20.50
CB MSE D 76 -8.15 -1.07 -18.08
CG MSE D 76 -8.04 -1.61 -16.66
SE MSE D 76 -9.86 -1.77 -15.91
CE MSE D 76 -9.33 -2.21 -14.05
N MSE D 77 -7.29 -1.49 -21.10
CA MSE D 77 -7.38 -1.17 -22.53
C MSE D 77 -8.80 -0.80 -22.82
O MSE D 77 -9.71 -1.61 -22.60
CB MSE D 77 -7.00 -2.39 -23.37
CG MSE D 77 -5.48 -2.57 -23.27
SE MSE D 77 -4.86 -4.18 -24.23
CE MSE D 77 -5.56 -3.83 -26.02
N ARG D 78 -8.99 0.43 -23.28
CA ARG D 78 -10.34 0.96 -23.45
C ARG D 78 -10.47 1.76 -24.73
N THR D 79 -11.47 1.43 -25.53
CA THR D 79 -11.85 2.27 -26.67
C THR D 79 -13.35 2.28 -26.69
N GLU D 80 -13.95 3.42 -26.34
CA GLU D 80 -15.37 3.50 -26.03
C GLU D 80 -15.92 4.83 -26.49
N LEU D 81 -17.05 4.80 -27.19
CA LEU D 81 -17.77 6.01 -27.53
C LEU D 81 -18.98 6.08 -26.64
N ILE D 82 -19.54 7.28 -26.48
CA ILE D 82 -20.78 7.45 -25.71
C ILE D 82 -21.79 8.20 -26.55
N PRO D 83 -23.08 7.79 -26.50
CA PRO D 83 -24.06 8.58 -27.23
C PRO D 83 -24.00 10.03 -26.81
N GLN D 84 -24.07 10.91 -27.81
CA GLN D 84 -24.32 12.32 -27.62
C GLN D 84 -25.76 12.63 -27.97
N THR D 85 -26.51 13.12 -26.99
CA THR D 85 -27.92 13.47 -27.18
C THR D 85 -28.42 14.36 -26.07
N ASN D 86 -29.48 15.13 -26.35
CA ASN D 86 -30.20 15.87 -25.33
C ASN D 86 -31.43 15.13 -24.83
N ALA D 87 -31.77 14.02 -25.47
CA ALA D 87 -32.91 13.22 -25.08
C ALA D 87 -32.67 12.44 -23.80
N ASN D 88 -33.75 11.90 -23.26
CA ASN D 88 -33.69 11.06 -22.08
C ASN D 88 -33.70 9.62 -22.53
N LEU D 89 -32.58 8.93 -22.30
CA LEU D 89 -32.43 7.54 -22.72
C LEU D 89 -32.64 6.57 -21.56
N GLY D 90 -33.30 7.05 -20.49
CA GLY D 90 -33.42 6.32 -19.25
C GLY D 90 -34.81 6.41 -18.63
N GLN D 91 -35.80 6.72 -19.46
CA GLN D 91 -37.19 6.73 -19.03
C GLN D 91 -38.02 5.81 -19.94
N GLY D 92 -39.06 5.20 -19.38
CA GLY D 92 -39.96 4.36 -20.17
C GLY D 92 -39.31 3.03 -20.54
N ASN D 93 -39.82 2.43 -21.60
CA ASN D 93 -39.28 1.18 -22.14
C ASN D 93 -38.54 1.48 -23.43
N LEU D 94 -37.21 1.36 -23.40
CA LEU D 94 -36.37 1.67 -24.56
C LEU D 94 -35.53 0.45 -24.94
N PHE D 95 -35.17 0.39 -26.22
CA PHE D 95 -34.47 -0.76 -26.76
C PHE D 95 -33.14 -0.28 -27.30
N TYR D 96 -32.06 -0.82 -26.76
CA TYR D 96 -30.74 -0.39 -27.18
C TYR D 96 -30.19 -1.40 -28.19
N HIS D 97 -30.20 -1.01 -29.46
CA HIS D 97 -29.81 -1.88 -30.57
C HIS D 97 -28.34 -1.78 -30.93
N PHE D 98 -27.75 -2.92 -31.27
CA PHE D 98 -26.42 -2.96 -31.87
C PHE D 98 -26.15 -4.35 -32.41
N SER D 99 -25.22 -4.42 -33.35
CA SER D 99 -24.72 -5.68 -33.90
C SER D 99 -23.22 -5.68 -33.74
N ILE D 100 -22.69 -6.86 -33.39
CA ILE D 100 -21.29 -7.01 -33.08
C ILE D 100 -20.73 -8.32 -33.68
N LYS D 101 -19.46 -8.26 -34.11
CA LYS D 101 -18.73 -9.48 -34.52
C LYS D 101 -17.23 -9.36 -34.29
N ARG D 102 -16.55 -10.50 -34.36
CA ARG D 102 -15.09 -10.54 -34.44
C ARG D 102 -14.68 -11.30 -35.69
N THR D 103 -13.45 -11.09 -36.17
CA THR D 103 -12.89 -11.91 -37.24
C THR D 103 -11.79 -12.76 -36.64
N ASN D 104 -11.01 -13.42 -37.49
CA ASN D 104 -9.88 -14.17 -37.04
C ASN D 104 -8.63 -13.29 -36.86
N THR D 105 -8.65 -12.12 -37.49
CA THR D 105 -7.59 -11.13 -37.36
C THR D 105 -7.80 -10.31 -36.09
N ASN D 106 -6.73 -10.16 -35.30
CA ASN D 106 -6.77 -9.45 -34.02
C ASN D 106 -7.96 -9.94 -33.19
N ALA D 107 -8.11 -11.25 -33.13
CA ALA D 107 -9.26 -11.83 -32.50
C ALA D 107 -9.15 -11.53 -31.00
N PRO D 108 -10.27 -11.22 -30.35
CA PRO D 108 -10.21 -11.00 -28.91
C PRO D 108 -9.67 -12.23 -28.15
N ASP D 109 -8.95 -11.96 -27.05
CA ASP D 109 -8.23 -12.99 -26.31
C ASP D 109 -9.18 -13.65 -25.33
N PRO D 110 -9.61 -14.91 -25.61
CA PRO D 110 -10.55 -15.58 -24.70
C PRO D 110 -10.00 -15.99 -23.32
N THR D 111 -8.72 -15.71 -23.04
CA THR D 111 -8.17 -15.93 -21.68
C THR D 111 -8.33 -14.69 -20.77
N LEU D 112 -8.85 -13.58 -21.30
CA LEU D 112 -8.87 -12.30 -20.59
C LEU D 112 -10.27 -11.72 -20.54
N GLU D 113 -10.62 -11.12 -19.42
CA GLU D 113 -11.96 -10.54 -19.24
C GLU D 113 -12.14 -9.29 -20.10
N HIS D 114 -13.32 -9.18 -20.74
CA HIS D 114 -13.71 -8.00 -21.51
C HIS D 114 -15.08 -7.57 -21.08
N GLN D 115 -15.32 -6.28 -21.06
CA GLN D 115 -16.66 -5.73 -20.89
C GLN D 115 -16.97 -4.94 -22.14
N VAL D 116 -18.12 -5.20 -22.74
CA VAL D 116 -18.43 -4.65 -24.04
C VAL D 116 -19.86 -4.12 -24.02
N MSE D 117 -20.09 -3.00 -24.69
CA MSE D 117 -21.43 -2.44 -24.82
C MSE D 117 -22.07 -2.35 -23.46
O MSE D 117 -23.14 -2.90 -23.20
CB MSE D 117 -22.31 -3.26 -25.76
CG MSE D 117 -21.71 -3.56 -27.14
SE MSE D 117 -21.20 -1.98 -28.20
CE MSE D 117 -22.96 -1.10 -28.25
N PHE D 118 -21.39 -1.64 -22.57
CA PHE D 118 -21.77 -1.62 -21.17
C PHE D 118 -22.23 -0.25 -20.71
N PHE D 119 -23.22 -0.27 -19.82
CA PHE D 119 -23.52 0.90 -18.97
C PHE D 119 -22.42 1.06 -17.92
N GLU D 120 -22.19 2.31 -17.52
CA GLU D 120 -21.18 2.63 -16.50
C GLU D 120 -21.34 1.79 -15.24
N SER D 121 -22.60 1.62 -14.81
CA SER D 121 -22.90 0.82 -13.62
C SER D 121 -22.86 -0.70 -13.86
N HIS D 122 -22.73 -1.10 -15.12
CA HIS D 122 -22.73 -2.51 -15.55
C HIS D 122 -24.03 -3.24 -15.19
N PHE D 123 -25.12 -2.51 -15.09
CA PHE D 123 -26.41 -3.14 -14.80
C PHE D 123 -26.78 -4.07 -15.95
N THR D 124 -26.28 -3.77 -17.15
CA THR D 124 -26.26 -4.75 -18.23
C THR D 124 -25.06 -4.49 -19.16
N GLU D 125 -24.59 -5.57 -19.78
CA GLU D 125 -23.42 -5.56 -20.65
C GLU D 125 -23.18 -6.94 -21.25
N LEU D 126 -22.28 -6.98 -22.22
CA LEU D 126 -21.75 -8.22 -22.75
C LEU D 126 -20.37 -8.38 -22.16
N LYS D 127 -20.00 -9.62 -21.91
CA LYS D 127 -18.62 -9.95 -21.57
C LYS D 127 -18.07 -11.05 -22.47
N TYR D 128 -16.75 -11.19 -22.44
CA TYR D 128 -16.05 -12.24 -23.14
C TYR D 128 -14.79 -12.61 -22.37
N GLY D 129 -14.45 -13.90 -22.39
CA GLY D 129 -13.22 -14.41 -21.80
C GLY D 129 -13.33 -14.71 -20.33
N VAL D 130 -14.55 -14.97 -19.87
CA VAL D 130 -14.84 -15.13 -18.44
C VAL D 130 -15.79 -16.31 -18.18
N GLY D 131 -15.75 -16.88 -16.98
CA GLY D 131 -16.72 -17.91 -16.57
C GLY D 131 -16.44 -19.30 -17.11
N SER D 132 -17.46 -20.17 -17.05
CA SER D 132 -17.37 -21.56 -17.54
C SER D 132 -16.86 -21.63 -18.97
N ASN D 133 -17.46 -20.77 -19.82
CA ASN D 133 -17.20 -20.71 -21.25
C ASN D 133 -16.51 -19.41 -21.65
N PRO D 134 -15.20 -19.33 -21.43
CA PRO D 134 -14.53 -18.08 -21.76
C PRO D 134 -14.62 -17.71 -23.26
N SER D 135 -14.88 -18.70 -24.12
CA SER D 135 -14.94 -18.46 -25.57
C SER D 135 -16.33 -18.08 -26.02
N ASN D 136 -17.27 -18.06 -25.07
CA ASN D 136 -18.63 -17.61 -25.31
C ASN D 136 -18.77 -16.10 -25.10
N LEU D 137 -19.52 -15.47 -25.97
CA LEU D 137 -19.99 -14.10 -25.77
C LEU D 137 -21.19 -14.17 -24.82
N GLY D 138 -21.06 -13.62 -23.62
CA GLY D 138 -22.10 -13.73 -22.60
C GLY D 138 -22.78 -12.41 -22.31
N TRP D 139 -24.11 -12.47 -22.14
CA TRP D 139 -24.92 -11.30 -21.74
C TRP D 139 -25.27 -11.35 -20.28
N TYR D 140 -25.11 -10.21 -19.63
CA TYR D 140 -25.25 -10.05 -18.18
C TYR D 140 -26.34 -9.04 -17.82
N ALA D 141 -27.04 -9.32 -16.73
CA ALA D 141 -28.02 -8.39 -16.18
C ALA D 141 -28.06 -8.56 -14.67
N GLY D 142 -27.81 -7.46 -13.95
CA GLY D 142 -27.81 -7.49 -12.49
C GLY D 142 -26.58 -8.15 -11.90
N GLY D 143 -25.49 -8.19 -12.66
CA GLY D 143 -24.26 -8.87 -12.24
C GLY D 143 -24.21 -10.35 -12.58
N THR D 144 -25.25 -10.86 -13.24
CA THR D 144 -25.39 -12.28 -13.51
C THR D 144 -25.53 -12.55 -15.01
N GLU D 145 -24.75 -13.49 -15.53
CA GLU D 145 -24.92 -13.98 -16.92
C GLU D 145 -26.28 -14.66 -17.07
N ARG D 146 -27.07 -14.21 -18.04
CA ARG D 146 -28.36 -14.82 -18.34
C ARG D 146 -28.38 -15.59 -19.66
N TRP D 147 -27.33 -15.44 -20.47
CA TRP D 147 -27.34 -15.93 -21.84
C TRP D 147 -25.93 -15.87 -22.41
N SER D 148 -25.58 -16.83 -23.25
CA SER D 148 -24.29 -16.82 -23.92
C SER D 148 -24.31 -17.72 -25.14
N THR D 149 -23.36 -17.48 -26.03
CA THR D 149 -23.27 -18.20 -27.29
C THR D 149 -21.80 -18.21 -27.68
N PRO D 150 -21.33 -19.31 -28.30
CA PRO D 150 -19.96 -19.32 -28.84
C PRO D 150 -19.68 -18.10 -29.72
N PHE D 151 -18.57 -17.40 -29.47
CA PHE D 151 -18.23 -16.20 -30.25
C PHE D 151 -17.53 -16.62 -31.55
N THR D 152 -18.33 -17.08 -32.51
CA THR D 152 -17.86 -17.60 -33.80
C THR D 152 -17.36 -16.48 -34.69
N ALA D 153 -16.18 -16.67 -35.27
CA ALA D 153 -15.59 -15.67 -36.17
C ALA D 153 -16.50 -15.35 -37.35
N ASP D 154 -16.57 -14.07 -37.70
CA ASP D 154 -17.35 -13.56 -38.85
C ASP D 154 -18.88 -13.70 -38.80
N THR D 155 -19.41 -14.25 -37.73
CA THR D 155 -20.86 -14.27 -37.53
C THR D 155 -21.30 -12.94 -36.88
N TRP D 156 -22.28 -12.29 -37.48
CA TRP D 156 -22.84 -11.06 -36.92
C TRP D 156 -23.85 -11.39 -35.85
N PHE D 157 -23.60 -10.90 -34.63
CA PHE D 157 -24.50 -11.12 -33.51
C PHE D 157 -25.31 -9.86 -33.27
N ASN D 158 -26.62 -9.96 -33.52
CA ASN D 158 -27.54 -8.84 -33.32
C ASN D 158 -28.05 -8.86 -31.91
N PHE D 159 -28.12 -7.68 -31.29
CA PHE D 159 -28.73 -7.53 -29.98
C PHE D 159 -29.64 -6.32 -29.85
N ALA D 160 -30.58 -6.44 -28.93
CA ALA D 160 -31.19 -5.30 -28.29
C ALA D 160 -31.40 -5.55 -26.78
N TYR D 161 -30.98 -4.57 -25.97
CA TYR D 161 -31.33 -4.54 -24.58
C TYR D 161 -32.74 -3.94 -24.45
N ASP D 162 -33.64 -4.73 -23.88
CA ASP D 162 -35.03 -4.35 -23.68
C ASP D 162 -35.08 -3.86 -22.26
N ILE D 163 -35.02 -2.54 -22.08
CA ILE D 163 -34.86 -1.94 -20.76
C ILE D 163 -36.16 -1.24 -20.38
N ASP D 164 -36.69 -1.62 -19.22
CA ASP D 164 -37.85 -0.95 -18.66
C ASP D 164 -37.30 -0.10 -17.52
N PHE D 165 -37.18 1.20 -17.76
CA PHE D 165 -36.59 2.07 -16.76
C PHE D 165 -37.56 2.39 -15.63
N THR D 166 -38.85 2.16 -15.86
CA THR D 166 -39.87 2.38 -14.83
C THR D 166 -39.81 1.21 -13.85
N ALA D 167 -40.00 0.00 -14.36
CA ALA D 167 -40.01 -1.20 -13.53
C ALA D 167 -38.61 -1.58 -13.08
N LYS D 168 -37.58 -1.02 -13.72
CA LYS D 168 -36.17 -1.30 -13.37
C LYS D 168 -35.81 -2.75 -13.63
N THR D 169 -36.09 -3.17 -14.86
CA THR D 169 -35.75 -4.51 -15.34
C THR D 169 -35.13 -4.43 -16.73
N VAL D 170 -34.45 -5.50 -17.11
CA VAL D 170 -33.86 -5.61 -18.44
C VAL D 170 -33.92 -7.04 -19.01
N GLY D 171 -34.34 -7.12 -20.26
CA GLY D 171 -34.34 -8.39 -21.01
C GLY D 171 -33.49 -8.28 -22.25
N LEU D 172 -33.42 -9.37 -23.02
CA LEU D 172 -32.52 -9.44 -24.17
C LEU D 172 -33.19 -10.01 -25.41
N TRP D 173 -33.01 -9.30 -26.52
CA TRP D 173 -33.40 -9.75 -27.85
C TRP D 173 -32.11 -10.07 -28.59
N ALA D 174 -32.13 -11.13 -29.40
CA ALA D 174 -30.93 -11.56 -30.11
C ALA D 174 -31.27 -12.35 -31.37
N SER D 175 -30.28 -12.40 -32.27
CA SER D 175 -30.31 -13.17 -33.50
C SER D 175 -28.95 -13.01 -34.16
N THR D 176 -28.69 -13.81 -35.19
CA THR D 176 -27.45 -13.67 -35.95
C THR D 176 -27.74 -13.16 -37.37
N ASN D 177 -26.75 -12.49 -37.94
CA ASN D 177 -26.72 -12.10 -39.36
C ASN D 177 -27.97 -11.34 -39.79
N GLY D 178 -28.81 -11.93 -40.63
CA GLY D 178 -29.99 -11.24 -41.18
C GLY D 178 -31.30 -11.71 -40.56
N ASN D 179 -31.21 -12.55 -39.54
CA ASN D 179 -32.39 -13.10 -38.89
C ASN D 179 -33.01 -12.08 -37.95
N PRO D 180 -34.34 -12.10 -37.81
CA PRO D 180 -34.99 -11.13 -36.92
C PRO D 180 -34.66 -11.39 -35.45
N LEU D 181 -34.55 -10.31 -34.68
CA LEU D 181 -34.44 -10.39 -33.23
C LEU D 181 -35.58 -11.19 -32.63
N VAL D 182 -35.25 -12.02 -31.65
CA VAL D 182 -36.21 -12.83 -30.90
C VAL D 182 -35.88 -12.58 -29.43
N LYS D 183 -36.90 -12.44 -28.58
CA LYS D 183 -36.60 -12.20 -27.18
C LYS D 183 -36.08 -13.50 -26.53
N VAL D 184 -34.80 -13.50 -26.17
CA VAL D 184 -34.15 -14.71 -25.69
C VAL D 184 -34.06 -14.78 -24.18
N VAL D 185 -34.27 -13.65 -23.50
CA VAL D 185 -34.28 -13.61 -22.03
C VAL D 185 -35.32 -12.59 -21.56
N GLN D 186 -36.26 -13.07 -20.74
CA GLN D 186 -37.30 -12.23 -20.17
C GLN D 186 -36.69 -11.26 -19.18
N ASN D 187 -37.32 -10.09 -19.05
CA ASN D 187 -36.75 -9.01 -18.25
C ASN D 187 -36.45 -9.49 -16.84
N VAL D 188 -35.30 -9.10 -16.31
CA VAL D 188 -34.92 -9.42 -14.94
C VAL D 188 -34.57 -8.12 -14.20
N PRO D 189 -34.75 -8.09 -12.86
CA PRO D 189 -34.51 -6.85 -12.14
C PRO D 189 -33.05 -6.42 -12.22
N ALA D 190 -32.83 -5.13 -12.42
CA ALA D 190 -31.50 -4.57 -12.31
C ALA D 190 -31.62 -3.09 -12.02
N ASN D 191 -30.54 -2.52 -11.49
CA ASN D 191 -30.49 -1.09 -11.26
C ASN D 191 -30.25 -0.37 -12.57
N THR D 192 -31.36 -0.08 -13.23
CA THR D 192 -31.35 0.42 -14.59
C THR D 192 -31.05 1.91 -14.73
N PHE D 193 -30.54 2.57 -13.68
CA PHE D 193 -30.28 4.00 -13.81
C PHE D 193 -29.25 4.32 -14.88
N THR D 194 -29.60 5.26 -15.74
CA THR D 194 -28.64 5.87 -16.66
C THR D 194 -28.75 7.41 -16.61
N ASP D 195 -27.62 8.08 -16.78
CA ASP D 195 -27.66 9.53 -16.92
C ASP D 195 -27.75 9.99 -18.37
N SER D 196 -27.96 9.05 -19.30
CA SER D 196 -28.03 9.31 -20.74
C SER D 196 -26.73 9.78 -21.40
N ARG D 197 -25.62 9.74 -20.67
CA ARG D 197 -24.29 9.89 -21.23
C ARG D 197 -23.32 8.89 -20.60
N ASP D 198 -23.78 7.66 -20.40
CA ASP D 198 -22.99 6.63 -19.71
C ASP D 198 -23.12 5.23 -20.34
N PHE D 199 -23.55 5.17 -21.58
CA PHE D 199 -23.60 3.91 -22.28
C PHE D 199 -22.40 3.84 -23.22
N HIS D 200 -21.61 2.80 -23.02
CA HIS D 200 -20.29 2.67 -23.60
C HIS D 200 -20.31 1.80 -24.84
N VAL D 201 -20.42 2.45 -26.00
CA VAL D 201 -20.38 1.78 -27.30
C VAL D 201 -18.91 1.44 -27.57
N GLY D 202 -18.50 0.22 -27.23
CA GLY D 202 -17.10 -0.15 -27.38
C GLY D 202 -16.65 -1.21 -26.40
N VAL D 203 -15.34 -1.23 -26.13
CA VAL D 203 -14.70 -2.38 -25.46
C VAL D 203 -13.73 -1.96 -24.39
N LEU D 204 -13.81 -2.67 -23.26
CA LEU D 204 -12.84 -2.55 -22.21
C LEU D 204 -12.26 -3.90 -21.95
N ARG D 205 -10.93 -3.96 -21.91
CA ARG D 205 -10.23 -5.16 -21.42
C ARG D 205 -9.34 -4.79 -20.24
N ILE D 206 -9.42 -5.59 -19.17
CA ILE D 206 -8.71 -5.26 -17.93
C ILE D 206 -7.20 -5.41 -18.09
N VAL D 207 -6.74 -6.54 -18.61
CA VAL D 207 -5.31 -6.79 -18.73
C VAL D 207 -4.75 -6.13 -19.98
N ASN D 208 -3.65 -5.41 -19.81
CA ASN D 208 -3.00 -4.70 -20.89
C ASN D 208 -1.80 -5.48 -21.45
N ARG D 209 -1.94 -5.95 -22.68
CA ARG D 209 -0.81 -6.48 -23.44
C ARG D 209 -1.15 -6.64 -24.93
N ASN D 210 -0.09 -6.74 -25.73
CA ASN D 210 -0.20 -7.12 -27.13
C ASN D 210 -0.61 -8.56 -27.26
N PRO D 211 -1.08 -8.96 -28.46
CA PRO D 211 -1.35 -8.16 -29.65
C PRO D 211 -2.66 -7.40 -29.54
N PRO D 212 -2.98 -6.56 -30.53
CA PRO D 212 -4.23 -5.80 -30.46
C PRO D 212 -5.49 -6.65 -30.67
N GLU D 213 -6.64 -6.11 -30.26
CA GLU D 213 -7.93 -6.72 -30.56
C GLU D 213 -8.77 -5.81 -31.45
N ASP D 214 -9.48 -6.41 -32.41
CA ASP D 214 -10.49 -5.73 -33.20
C ASP D 214 -11.86 -6.28 -32.84
N TRP D 215 -12.80 -5.37 -32.60
CA TRP D 215 -14.21 -5.71 -32.50
C TRP D 215 -14.93 -4.87 -33.56
N TYR D 216 -16.01 -5.41 -34.12
CA TYR D 216 -16.75 -4.74 -35.18
C TYR D 216 -18.15 -4.43 -34.70
N VAL D 217 -18.59 -3.21 -34.94
CA VAL D 217 -19.85 -2.71 -34.38
C VAL D 217 -20.62 -2.03 -35.51
N SER D 218 -21.90 -2.33 -35.61
CA SER D 218 -22.78 -1.66 -36.56
C SER D 218 -24.25 -1.70 -36.12
N GLY D 219 -25.05 -0.89 -36.79
CA GLY D 219 -26.49 -0.83 -36.53
C GLY D 219 -26.85 -0.43 -35.12
N VAL D 220 -26.19 0.63 -34.64
CA VAL D 220 -26.39 1.12 -33.26
C VAL D 220 -27.47 2.22 -33.22
N TYR D 221 -28.50 1.96 -32.40
CA TYR D 221 -29.53 2.97 -32.13
C TYR D 221 -30.40 2.62 -30.92
N ILE D 222 -31.16 3.61 -30.44
CA ILE D 222 -32.04 3.44 -29.30
C ILE D 222 -33.41 3.88 -29.78
N GLU D 223 -34.41 3.02 -29.57
CA GLU D 223 -35.75 3.32 -29.97
C GLU D 223 -36.75 3.09 -28.84
N GLU D 224 -37.92 3.68 -28.98
CA GLU D 224 -39.08 3.32 -28.19
C GLU D 224 -39.72 2.02 -28.75
N GLY D 225 -40.62 1.45 -27.97
CA GLY D 225 -41.35 0.27 -28.36
C GLY D 225 -42.44 0.68 -29.35
N PRO D 226 -43.00 -0.28 -30.09
CA PRO D 226 -42.63 -1.70 -30.07
C PRO D 226 -41.28 -1.93 -30.76
N ILE D 227 -40.53 -2.93 -30.28
CA ILE D 227 -39.19 -3.23 -30.85
C ILE D 227 -39.28 -3.46 -32.35
N THR D 228 -38.28 -2.94 -33.07
CA THR D 228 -38.04 -3.31 -34.47
C THR D 228 -37.19 -4.59 -34.47
N THR D 229 -37.80 -5.71 -34.87
CA THR D 229 -37.14 -7.03 -34.84
C THR D 229 -36.38 -7.32 -36.12
N GLN D 230 -36.90 -6.79 -37.22
CA GLN D 230 -36.34 -7.05 -38.54
C GLN D 230 -34.99 -6.35 -38.64
N ILE D 231 -34.05 -7.07 -39.24
CA ILE D 231 -32.71 -6.56 -39.52
C ILE D 231 -32.69 -5.97 -40.91
N GLY D 232 -32.31 -4.71 -41.00
CA GLY D 232 -32.34 -3.96 -42.25
C GLY D 232 -33.66 -4.10 -42.97
N ASP D 233 -33.61 -4.37 -44.27
CA ASP D 233 -34.82 -4.49 -45.09
C ASP D 233 -35.44 -5.89 -45.04
N GLY D 234 -34.80 -6.80 -44.31
CA GLY D 234 -35.33 -8.15 -44.06
C GLY D 234 -34.97 -9.17 -45.12
N ALA D 235 -34.28 -8.74 -46.18
CA ALA D 235 -33.96 -9.61 -47.33
C ALA D 235 -33.02 -10.77 -46.96
N ALA D 236 -32.08 -10.52 -46.05
CA ALA D 236 -31.09 -11.55 -45.71
C ALA D 236 -31.60 -12.62 -44.75
N ALA D 237 -32.81 -12.42 -44.21
CA ALA D 237 -33.39 -13.39 -43.26
C ALA D 237 -33.53 -14.78 -43.91
N LEU D 238 -32.93 -15.79 -43.28
CA LEU D 238 -33.05 -17.18 -43.71
C LEU D 238 -33.73 -18.02 -42.64
C1 GOL E . 12.07 -5.04 17.44
O1 GOL E . 10.73 -4.90 16.96
C2 GOL E . 12.89 -3.83 17.02
O2 GOL E . 14.26 -4.11 17.31
C3 GOL E . 12.42 -2.56 17.74
O3 GOL E . 13.29 -1.46 17.37
C1 GOL F . 19.85 -5.91 16.61
O1 GOL F . 19.51 -6.30 15.29
C2 GOL F . 20.00 -4.39 16.68
O2 GOL F . 21.01 -4.06 15.75
C3 GOL F . 18.74 -3.60 16.30
O3 GOL F . 17.58 -3.98 17.05
C1 GOL G . 25.40 -7.03 14.71
O1 GOL G . 24.45 -7.15 13.64
C2 GOL G . 25.10 -5.70 15.38
O2 GOL G . 26.33 -5.05 15.72
C3 GOL G . 24.18 -5.91 16.57
O3 GOL G . 23.19 -4.88 16.55
C1 GOL H . -10.29 8.36 -12.52
O1 GOL H . -9.90 7.00 -12.77
C2 GOL H . -10.73 8.48 -11.07
O2 GOL H . -11.41 9.74 -10.94
C3 GOL H . -9.51 8.35 -10.16
O3 GOL H . -9.89 8.15 -8.79
C1 GOL I . -16.19 12.92 -10.60
O1 GOL I . -17.40 12.19 -10.85
C2 GOL I . -15.77 12.83 -9.13
O2 GOL I . -16.87 12.56 -8.26
C3 GOL I . -14.79 11.70 -8.92
O3 GOL I . -13.57 11.97 -9.61
C1 GOL J . -20.38 14.54 -9.56
O1 GOL J . -20.16 13.13 -9.61
C2 GOL J . -19.61 15.05 -8.35
O2 GOL J . -20.20 16.23 -7.79
C3 GOL J . -18.19 15.38 -8.76
O3 GOL J . -17.34 14.93 -7.70
C1 GOL K . 15.13 -12.66 10.89
O1 GOL K . 15.17 -12.56 9.47
C2 GOL K . 14.51 -11.42 11.58
O2 GOL K . 13.18 -11.13 11.08
C3 GOL K . 14.41 -11.65 13.08
O3 GOL K . 15.66 -12.11 13.62
C1 GOL L . 10.96 -8.57 8.13
O1 GOL L . 11.06 -9.54 9.18
C2 GOL L . 9.62 -7.84 8.11
O2 GOL L . 9.77 -6.73 7.23
C3 GOL L . 9.16 -7.36 9.49
O3 GOL L . 9.75 -6.11 9.86
C1 GOL M . 6.95 -3.37 7.58
O1 GOL M . 8.20 -3.63 8.22
C2 GOL M . 6.79 -4.43 6.50
O2 GOL M . 5.74 -4.11 5.60
C3 GOL M . 6.50 -5.78 7.16
O3 GOL M . 7.29 -6.78 6.54
C1 GOL N . -18.74 7.73 -18.53
O1 GOL N . -19.69 6.69 -18.16
C2 GOL N . -17.58 7.70 -17.55
O2 GOL N . -17.05 6.38 -17.46
C3 GOL N . -16.45 8.63 -17.96
O3 GOL N . -16.79 10.02 -17.82
C1 GOL O . -14.34 1.39 -15.79
O1 GOL O . -14.02 1.62 -14.42
C2 GOL O . -15.74 0.78 -15.89
O2 GOL O . -15.98 0.02 -14.72
C3 GOL O . -16.82 1.85 -16.03
O3 GOL O . -16.48 2.91 -16.95
C1 GOL P . -13.41 -2.73 -12.57
O1 GOL P . -12.13 -2.37 -12.04
C2 GOL P . -13.19 -3.52 -13.86
O2 GOL P . -14.17 -4.55 -14.01
C3 GOL P . -13.28 -2.56 -15.04
O3 GOL P . -14.64 -2.21 -15.34
#